data_2C70
#
_entry.id   2C70
#
_cell.length_a   130.681
_cell.length_b   222.928
_cell.length_c   86.451
_cell.angle_alpha   90.00
_cell.angle_beta   90.00
_cell.angle_gamma   90.00
#
_symmetry.space_group_name_H-M   'C 2 2 2'
#
loop_
_entity.id
_entity.type
_entity.pdbx_description
1 polymer 'AMINE OXIDASE (FLAVIN-CONTAINING) B'
2 non-polymer 'FLAVIN-ADENINE DINUCLEOTIDE'
3 non-polymer P-NITRO-BENZYLAMINE
4 water water
#
_entity_poly.entity_id   1
_entity_poly.type   'polypeptide(L)'
_entity_poly.pdbx_seq_one_letter_code
;MSNKCDVVVVGGGISGMAAAKLLHDSGLNVVVLEARDRVGGRTYTLRNQKVKYVDLGGSYVGPTQNRILRLAKELGLETY
KVNEVERLIHHVKGKSYPFRGPFPPVWNPITYLDHNNFWRTMDDMGREIPSDAPWKAPLAEEWDNMTMKELLDKLCWTES
AKQLATLFVNLCVTAETHEVSALWFLWYVKQCGGTTRIISTTNGGQERKFVGGSGQVSERIMDLLGDRVKLERPVIYIDQ
TRENVLVETLNHEMYEAKYVISAIPPTLGMKIHFNPPLPMMRNQMITRVPLGSVIKCIVYYKEPFWRKKDYCGTMIIDGE
EAPVAYTLDDTKPEGNYAAIMGFILAHKARKLARLTKEERLKKLCELYAKVLGSLEALEPVHYEEKNWCEEQYSGGCYTT
YFPPGILTQYGRVLRQPVDRIYFAGTETATHWSGYMEGAVEAGERAAREILHAMGKIPEDEIWQSEPESVDVPAQPITTT
FLERHLPSVPGLLRLIGLTTIFSATALGFLAHKRGLLVRV
;
_entity_poly.pdbx_strand_id   A,B
#
# COMPACT_ATOMS: atom_id res chain seq x y z
N ASN A 3 19.78 6.12 28.59
CA ASN A 3 18.54 6.77 29.14
C ASN A 3 18.26 8.18 28.57
N LYS A 4 18.77 9.24 29.22
CA LYS A 4 18.32 10.61 28.90
C LYS A 4 19.22 11.38 27.93
N CYS A 5 18.59 12.11 27.00
CA CYS A 5 19.29 12.93 26.00
C CYS A 5 18.36 14.01 25.44
N ASP A 6 18.88 14.83 24.53
CA ASP A 6 18.06 15.87 23.90
C ASP A 6 17.17 15.32 22.79
N VAL A 7 17.77 14.53 21.87
CA VAL A 7 17.05 13.96 20.72
C VAL A 7 17.41 12.48 20.49
N VAL A 8 16.39 11.64 20.40
CA VAL A 8 16.57 10.27 19.93
C VAL A 8 16.33 10.28 18.42
N VAL A 9 17.29 9.74 17.67
CA VAL A 9 17.12 9.53 16.24
C VAL A 9 16.86 8.05 15.99
N VAL A 10 15.70 7.74 15.42
CA VAL A 10 15.36 6.36 15.09
C VAL A 10 15.81 6.05 13.65
N GLY A 11 16.81 5.18 13.52
CA GLY A 11 17.37 4.86 12.22
C GLY A 11 18.75 5.43 12.01
N GLY A 12 19.69 4.53 11.72
CA GLY A 12 21.07 4.89 11.44
C GLY A 12 21.47 4.78 9.99
N GLY A 13 20.56 5.11 9.07
CA GLY A 13 20.93 5.22 7.66
C GLY A 13 21.51 6.61 7.45
N ILE A 14 21.76 6.98 6.21
CA ILE A 14 22.34 8.31 5.93
C ILE A 14 21.52 9.49 6.48
N SER A 15 20.20 9.40 6.39
CA SER A 15 19.36 10.50 6.84
C SER A 15 19.45 10.67 8.36
N GLY A 16 19.31 9.57 9.09
CA GLY A 16 19.41 9.59 10.55
C GLY A 16 20.80 10.00 11.01
N MET A 17 21.83 9.49 10.33
CA MET A 17 23.20 9.88 10.68
C MET A 17 23.49 11.35 10.38
N ALA A 18 22.98 11.87 9.26
CA ALA A 18 23.11 13.30 8.92
C ALA A 18 22.40 14.20 9.95
N ALA A 19 21.22 13.77 10.40
CA ALA A 19 20.46 14.50 11.42
C ALA A 19 21.24 14.50 12.74
N ALA A 20 21.71 13.31 13.13
CA ALA A 20 22.42 13.15 14.39
C ALA A 20 23.70 13.99 14.39
N LYS A 21 24.45 13.95 13.29
CA LYS A 21 25.67 14.74 13.17
C LYS A 21 25.41 16.24 13.34
N LEU A 22 24.39 16.76 12.65
CA LEU A 22 24.05 18.18 12.72
C LEU A 22 23.71 18.59 14.17
N LEU A 23 22.85 17.80 14.82
CA LEU A 23 22.44 18.05 16.20
C LEU A 23 23.64 18.01 17.16
N HIS A 24 24.50 16.99 16.99
CA HIS A 24 25.71 16.82 17.79
C HIS A 24 26.65 18.00 17.62
N ASP A 25 26.87 18.40 16.36
CA ASP A 25 27.69 19.58 16.02
C ASP A 25 27.13 20.88 16.61
N SER A 26 25.82 20.92 16.83
CA SER A 26 25.18 22.09 17.46
C SER A 26 25.25 22.06 18.98
N GLY A 27 25.81 20.99 19.54
CA GLY A 27 25.98 20.90 20.98
C GLY A 27 24.92 20.15 21.75
N LEU A 28 23.97 19.51 21.06
CA LEU A 28 22.96 18.71 21.74
C LEU A 28 23.45 17.29 22.00
N ASN A 29 22.88 16.64 23.00
CA ASN A 29 23.12 15.22 23.27
C ASN A 29 22.12 14.38 22.47
N VAL A 30 22.65 13.61 21.53
CA VAL A 30 21.86 12.75 20.65
C VAL A 30 22.19 11.29 20.87
N VAL A 31 21.18 10.44 20.69
CA VAL A 31 21.37 8.99 20.61
C VAL A 31 20.75 8.53 19.29
N VAL A 32 21.43 7.62 18.61
CA VAL A 32 20.88 6.97 17.41
C VAL A 32 20.53 5.52 17.75
N LEU A 33 19.27 5.15 17.53
CA LEU A 33 18.86 3.78 17.76
C LEU A 33 18.68 3.09 16.41
N GLU A 34 19.54 2.11 16.16
CA GLU A 34 19.58 1.38 14.89
C GLU A 34 19.17 -0.07 15.09
N ALA A 35 18.19 -0.52 14.31
CA ALA A 35 17.67 -1.89 14.38
C ALA A 35 18.71 -2.97 14.07
N ARG A 36 19.55 -2.72 13.08
CA ARG A 36 20.51 -3.72 12.57
C ARG A 36 21.83 -3.72 13.35
N ASP A 37 22.67 -4.73 13.10
CA ASP A 37 24.04 -4.77 13.65
C ASP A 37 25.02 -3.89 12.86
N ARG A 38 24.49 -2.97 12.06
CA ARG A 38 25.30 -2.08 11.23
C ARG A 38 24.50 -0.81 10.96
N VAL A 39 25.20 0.26 10.61
CA VAL A 39 24.62 1.48 10.08
C VAL A 39 24.65 1.46 8.53
N GLY A 40 23.99 2.43 7.89
CA GLY A 40 24.00 2.55 6.43
C GLY A 40 22.65 2.28 5.79
N GLY A 41 21.85 1.39 6.39
CA GLY A 41 20.49 1.13 5.92
C GLY A 41 20.43 0.60 4.50
N ARG A 42 19.89 1.41 3.60
CA ARG A 42 19.77 1.05 2.19
C ARG A 42 21.09 1.25 1.43
N THR A 43 22.13 1.73 2.13
CA THR A 43 23.49 1.62 1.64
C THR A 43 24.17 0.50 2.40
N TYR A 44 24.93 -0.31 1.70
CA TYR A 44 25.66 -1.42 2.29
C TYR A 44 26.87 -1.70 1.42
N THR A 45 28.05 -1.50 1.97
CA THR A 45 29.29 -1.80 1.28
C THR A 45 29.90 -3.10 1.81
N LEU A 46 29.89 -4.12 0.96
CA LEU A 46 30.52 -5.40 1.31
C LEU A 46 32.03 -5.35 1.02
N ARG A 47 32.84 -5.83 1.96
CA ARG A 47 34.28 -6.00 1.75
C ARG A 47 34.67 -7.47 1.90
N ASN A 48 35.38 -7.97 0.88
CA ASN A 48 36.11 -9.24 0.95
C ASN A 48 37.28 -9.13 -0.03
N GLN A 49 38.10 -10.17 -0.10
CA GLN A 49 39.33 -10.13 -0.88
C GLN A 49 39.04 -10.22 -2.39
N LYS A 50 37.94 -10.88 -2.74
CA LYS A 50 37.57 -11.05 -4.15
C LYS A 50 37.11 -9.76 -4.82
N VAL A 51 36.42 -8.90 -4.09
CA VAL A 51 35.83 -7.69 -4.69
C VAL A 51 36.53 -6.41 -4.23
N LYS A 52 37.32 -6.57 -3.16
CA LYS A 52 37.88 -5.46 -2.36
C LYS A 52 36.76 -4.77 -1.57
N TYR A 53 35.90 -4.04 -2.28
CA TYR A 53 34.69 -3.48 -1.72
C TYR A 53 33.67 -3.42 -2.84
N VAL A 54 32.39 -3.50 -2.50
CA VAL A 54 31.31 -3.31 -3.47
C VAL A 54 30.05 -2.78 -2.80
N ASP A 55 29.44 -1.76 -3.38
CA ASP A 55 28.14 -1.28 -2.93
C ASP A 55 27.03 -2.24 -3.38
N LEU A 56 26.33 -2.82 -2.43
CA LEU A 56 25.19 -3.71 -2.71
C LEU A 56 23.84 -3.00 -2.61
N GLY A 57 23.85 -1.77 -2.08
CA GLY A 57 22.70 -0.89 -2.05
C GLY A 57 23.04 0.41 -2.75
N GLY A 58 22.58 1.55 -2.23
CA GLY A 58 22.83 2.85 -2.87
C GLY A 58 24.30 3.11 -3.14
N SER A 59 24.60 3.72 -4.29
CA SER A 59 25.95 3.80 -4.79
C SER A 59 26.25 5.10 -5.57
N TYR A 60 25.42 5.43 -6.55
CA TYR A 60 25.72 6.53 -7.46
C TYR A 60 25.37 7.90 -6.91
N VAL A 61 26.27 8.86 -7.16
CA VAL A 61 26.01 10.27 -6.94
C VAL A 61 26.35 11.05 -8.21
N GLY A 62 25.79 12.26 -8.35
CA GLY A 62 26.07 13.05 -9.55
C GLY A 62 25.81 14.54 -9.38
N PRO A 63 26.05 15.32 -10.44
CA PRO A 63 25.83 16.75 -10.43
C PRO A 63 24.41 17.13 -9.94
N THR A 64 24.36 18.22 -9.18
CA THR A 64 23.17 18.74 -8.48
C THR A 64 22.86 18.04 -7.15
N GLN A 65 23.59 16.97 -6.82
CA GLN A 65 23.42 16.30 -5.52
C GLN A 65 24.45 16.88 -4.53
N ASN A 66 24.32 18.18 -4.25
CA ASN A 66 25.37 18.90 -3.55
C ASN A 66 25.53 18.59 -2.07
N ARG A 67 24.44 18.20 -1.42
CA ARG A 67 24.47 17.89 0.02
C ARG A 67 25.22 16.61 0.34
N ILE A 68 24.93 15.51 -0.38
CA ILE A 68 25.66 14.24 -0.14
C ILE A 68 27.13 14.42 -0.50
N LEU A 69 27.40 15.23 -1.53
CA LEU A 69 28.78 15.48 -1.95
C LEU A 69 29.57 16.23 -0.87
N ARG A 70 28.96 17.25 -0.28
CA ARG A 70 29.58 18.05 0.77
C ARG A 70 29.77 17.20 2.04
N LEU A 71 28.76 16.44 2.41
CA LEU A 71 28.85 15.61 3.61
C LEU A 71 29.96 14.59 3.46
N ALA A 72 29.98 13.90 2.32
CA ALA A 72 30.98 12.89 2.05
C ALA A 72 32.40 13.49 1.99
N LYS A 73 32.53 14.66 1.35
CA LYS A 73 33.83 15.33 1.29
C LYS A 73 34.31 15.73 2.69
N GLU A 74 33.42 16.26 3.51
CA GLU A 74 33.79 16.63 4.90
C GLU A 74 34.25 15.41 5.71
N LEU A 75 33.72 14.24 5.39
CA LEU A 75 34.12 12.98 6.02
C LEU A 75 35.40 12.40 5.46
N GLY A 76 35.96 13.04 4.44
CA GLY A 76 37.23 12.60 3.86
C GLY A 76 37.12 11.63 2.68
N LEU A 77 35.95 11.56 2.09
CA LEU A 77 35.72 10.65 0.98
C LEU A 77 35.95 11.34 -0.38
N GLU A 78 36.20 10.52 -1.40
CA GLU A 78 36.41 11.00 -2.76
C GLU A 78 35.50 10.21 -3.70
N THR A 79 35.15 10.82 -4.84
CA THR A 79 34.35 10.16 -5.88
C THR A 79 35.24 9.79 -7.06
N TYR A 80 34.74 8.86 -7.88
CA TYR A 80 35.31 8.62 -9.19
C TYR A 80 34.17 8.46 -10.21
N LYS A 81 34.49 8.66 -11.49
CA LYS A 81 33.51 8.61 -12.56
C LYS A 81 33.23 7.18 -13.02
N VAL A 82 31.94 6.84 -13.06
CA VAL A 82 31.48 5.59 -13.67
C VAL A 82 31.94 5.58 -15.16
N ASN A 83 32.45 4.44 -15.62
CA ASN A 83 32.91 4.35 -17.00
C ASN A 83 31.83 4.60 -18.06
N GLU A 84 31.99 5.67 -18.82
CA GLU A 84 31.09 5.93 -19.96
C GLU A 84 31.89 6.42 -21.18
N VAL A 85 33.15 5.98 -21.28
CA VAL A 85 34.01 6.38 -22.38
C VAL A 85 33.53 5.78 -23.71
N GLU A 86 33.29 4.47 -23.72
CA GLU A 86 32.91 3.81 -24.97
C GLU A 86 31.38 3.84 -25.19
N ARG A 87 30.87 3.04 -26.13
CA ARG A 87 29.46 3.11 -26.52
C ARG A 87 28.51 2.40 -25.55
N LEU A 88 27.33 2.99 -25.35
CA LEU A 88 26.21 2.38 -24.67
C LEU A 88 25.54 1.42 -25.65
N ILE A 89 24.76 0.49 -25.12
CA ILE A 89 24.01 -0.45 -25.93
C ILE A 89 22.53 -0.42 -25.57
N HIS A 90 21.69 -0.34 -26.60
CA HIS A 90 20.27 -0.54 -26.46
C HIS A 90 19.95 -1.88 -27.11
N HIS A 91 19.49 -2.83 -26.32
CA HIS A 91 19.18 -4.15 -26.83
C HIS A 91 17.67 -4.27 -26.88
N VAL A 92 17.14 -4.46 -28.09
CA VAL A 92 15.71 -4.46 -28.34
C VAL A 92 15.40 -5.55 -29.38
N LYS A 93 14.39 -6.37 -29.09
CA LYS A 93 13.96 -7.50 -29.93
C LYS A 93 15.13 -8.40 -30.36
N GLY A 94 15.95 -8.77 -29.38
CA GLY A 94 17.04 -9.71 -29.57
C GLY A 94 18.29 -9.21 -30.25
N LYS A 95 18.40 -7.89 -30.48
CA LYS A 95 19.55 -7.30 -31.19
C LYS A 95 20.11 -6.10 -30.43
N SER A 96 21.43 -5.91 -30.50
CA SER A 96 22.08 -4.79 -29.83
C SER A 96 22.40 -3.66 -30.81
N TYR A 97 22.12 -2.43 -30.37
CA TYR A 97 22.38 -1.22 -31.15
C TYR A 97 23.22 -0.28 -30.29
N PRO A 98 24.52 -0.18 -30.61
CA PRO A 98 25.41 0.73 -29.88
C PRO A 98 25.06 2.19 -30.15
N PHE A 99 25.34 3.05 -29.18
CA PHE A 99 25.05 4.48 -29.34
C PHE A 99 25.84 5.31 -28.34
N ARG A 100 25.80 6.63 -28.53
CA ARG A 100 26.44 7.61 -27.66
C ARG A 100 25.40 8.64 -27.23
N GLY A 101 25.60 9.24 -26.06
CA GLY A 101 24.65 10.21 -25.52
C GLY A 101 23.72 9.47 -24.59
N PRO A 102 22.89 10.21 -23.82
CA PRO A 102 22.03 9.62 -22.78
C PRO A 102 20.85 8.80 -23.30
N PHE A 103 20.27 9.24 -24.42
CA PHE A 103 19.06 8.63 -24.97
C PHE A 103 19.38 7.69 -26.12
N PRO A 104 18.78 6.48 -26.10
CA PRO A 104 18.90 5.53 -27.23
C PRO A 104 18.23 6.14 -28.47
N PRO A 105 18.98 6.26 -29.57
CA PRO A 105 18.45 6.88 -30.78
C PRO A 105 17.36 6.06 -31.50
N VAL A 106 16.59 6.76 -32.33
CA VAL A 106 15.44 6.21 -33.01
C VAL A 106 15.45 6.76 -34.44
N TRP A 107 15.28 5.89 -35.42
CA TRP A 107 15.42 6.31 -36.81
C TRP A 107 14.11 6.56 -37.55
N ASN A 108 13.11 5.73 -37.30
CA ASN A 108 11.82 5.93 -37.94
C ASN A 108 11.25 7.31 -37.56
N PRO A 109 11.00 8.19 -38.54
CA PRO A 109 10.53 9.52 -38.17
C PRO A 109 9.22 9.58 -37.36
N ILE A 110 8.30 8.63 -37.56
CA ILE A 110 7.07 8.56 -36.73
C ILE A 110 7.42 8.22 -35.29
N THR A 111 8.18 7.14 -35.13
CA THR A 111 8.68 6.66 -33.83
C THR A 111 9.53 7.76 -33.20
N TYR A 112 10.28 8.47 -34.04
CA TYR A 112 11.09 9.58 -33.58
C TYR A 112 10.25 10.70 -32.97
N LEU A 113 9.15 11.07 -33.64
CA LEU A 113 8.22 12.06 -33.11
C LEU A 113 7.61 11.62 -31.77
N ASP A 114 7.26 10.34 -31.70
CA ASP A 114 6.62 9.77 -30.51
C ASP A 114 7.58 9.76 -29.30
N HIS A 115 8.81 9.27 -29.51
CA HIS A 115 9.83 9.27 -28.47
C HIS A 115 10.13 10.70 -28.00
N ASN A 116 10.35 11.61 -28.95
CA ASN A 116 10.60 13.01 -28.61
C ASN A 116 9.47 13.61 -27.75
N ASN A 117 8.23 13.38 -28.17
CA ASN A 117 7.07 13.88 -27.45
C ASN A 117 6.88 13.26 -26.06
N PHE A 118 7.18 11.97 -25.93
CA PHE A 118 7.07 11.30 -24.62
C PHE A 118 7.94 12.02 -23.58
N TRP A 119 9.25 12.12 -23.83
CA TRP A 119 10.18 12.70 -22.88
C TRP A 119 9.84 14.17 -22.59
N ARG A 120 9.56 14.91 -23.66
CA ARG A 120 9.17 16.30 -23.56
C ARG A 120 7.95 16.48 -22.67
N THR A 121 6.95 15.62 -22.86
CA THR A 121 5.70 15.69 -22.12
C THR A 121 5.90 15.38 -20.62
N MET A 122 6.72 14.37 -20.32
CA MET A 122 7.08 14.10 -18.91
C MET A 122 7.57 15.37 -18.23
N ASP A 123 8.48 16.08 -18.89
CA ASP A 123 9.05 17.28 -18.31
C ASP A 123 8.04 18.44 -18.31
N ASP A 124 7.22 18.54 -19.36
CA ASP A 124 6.16 19.56 -19.45
C ASP A 124 5.21 19.44 -18.25
N MET A 125 4.76 18.20 -18.02
CA MET A 125 3.85 17.92 -16.94
C MET A 125 4.51 18.19 -15.60
N GLY A 126 5.77 17.79 -15.47
CA GLY A 126 6.55 18.03 -14.24
C GLY A 126 6.62 19.49 -13.82
N ARG A 127 6.72 20.39 -14.80
CA ARG A 127 6.82 21.84 -14.51
C ARG A 127 5.59 22.37 -13.81
N GLU A 128 4.49 21.65 -13.93
CA GLU A 128 3.25 22.04 -13.28
C GLU A 128 3.14 21.52 -11.83
N ILE A 129 4.17 20.80 -11.37
CA ILE A 129 4.12 20.12 -10.06
C ILE A 129 5.13 20.72 -9.09
N PRO A 130 4.65 21.40 -8.04
CA PRO A 130 5.59 21.91 -7.05
C PRO A 130 6.35 20.78 -6.35
N SER A 131 7.68 20.92 -6.25
CA SER A 131 8.55 19.93 -5.58
C SER A 131 8.20 19.69 -4.12
N ASP A 132 7.78 20.75 -3.44
CA ASP A 132 7.51 20.69 -2.00
C ASP A 132 6.04 20.40 -1.71
N ALA A 133 5.20 20.38 -2.74
CA ALA A 133 3.78 20.10 -2.56
C ALA A 133 3.13 19.61 -3.86
N PRO A 134 3.48 18.37 -4.29
CA PRO A 134 2.93 17.86 -5.58
C PRO A 134 1.42 17.84 -5.65
N TRP A 135 0.76 17.70 -4.50
CA TRP A 135 -0.70 17.68 -4.40
C TRP A 135 -1.30 19.05 -4.79
N LYS A 136 -0.46 20.08 -4.92
CA LYS A 136 -0.94 21.40 -5.34
C LYS A 136 -0.90 21.60 -6.86
N ALA A 137 -0.37 20.64 -7.61
CA ALA A 137 -0.43 20.70 -9.08
C ALA A 137 -1.89 20.96 -9.52
N PRO A 138 -2.11 21.87 -10.50
CA PRO A 138 -3.45 22.16 -10.98
C PRO A 138 -4.32 20.95 -11.32
N LEU A 139 -3.74 19.91 -11.94
CA LEU A 139 -4.49 18.71 -12.29
C LEU A 139 -4.10 17.55 -11.38
N ALA A 140 -3.77 17.87 -10.13
CA ALA A 140 -3.26 16.91 -9.17
C ALA A 140 -4.13 15.66 -9.11
N GLU A 141 -5.43 15.84 -8.91
CA GLU A 141 -6.34 14.71 -8.73
C GLU A 141 -6.47 13.86 -9.97
N GLU A 142 -6.65 14.53 -11.12
CA GLU A 142 -6.66 13.83 -12.41
C GLU A 142 -5.42 12.97 -12.62
N TRP A 143 -4.24 13.55 -12.37
CA TRP A 143 -3.01 12.78 -12.59
C TRP A 143 -2.81 11.68 -11.54
N ASP A 144 -3.29 11.91 -10.32
CA ASP A 144 -3.08 10.97 -9.22
C ASP A 144 -4.03 9.77 -9.31
N ASN A 145 -5.15 9.96 -10.01
CA ASN A 145 -6.15 8.93 -10.12
C ASN A 145 -5.92 7.97 -11.31
N MET A 146 -4.74 8.11 -11.93
CA MET A 146 -4.26 7.36 -13.10
C MET A 146 -2.97 6.69 -12.71
N THR A 147 -2.72 5.50 -13.25
CA THR A 147 -1.41 4.90 -13.10
C THR A 147 -0.50 5.41 -14.21
N MET A 148 0.80 5.22 -14.05
CA MET A 148 1.72 5.45 -15.15
C MET A 148 1.39 4.62 -16.38
N LYS A 149 0.88 3.40 -16.19
CA LYS A 149 0.45 2.59 -17.35
C LYS A 149 -0.62 3.28 -18.22
N GLU A 150 -1.69 3.79 -17.60
CA GLU A 150 -2.72 4.57 -18.31
C GLU A 150 -2.15 5.79 -18.99
N LEU A 151 -1.31 6.55 -18.31
CA LEU A 151 -0.65 7.69 -18.95
C LEU A 151 0.13 7.30 -20.22
N LEU A 152 0.97 6.27 -20.10
CA LEU A 152 1.74 5.74 -21.24
C LEU A 152 0.87 5.28 -22.39
N ASP A 153 -0.20 4.54 -22.08
CA ASP A 153 -1.16 4.10 -23.10
C ASP A 153 -1.76 5.27 -23.89
N LYS A 154 -2.01 6.39 -23.21
CA LYS A 154 -2.59 7.57 -23.87
C LYS A 154 -1.56 8.35 -24.69
N LEU A 155 -0.35 8.42 -24.17
CA LEU A 155 0.68 9.29 -24.67
C LEU A 155 1.50 8.69 -25.82
N CYS A 156 1.80 7.39 -25.75
CA CYS A 156 2.69 6.73 -26.69
C CYS A 156 1.90 6.11 -27.83
N TRP A 157 2.11 6.63 -29.04
CA TRP A 157 1.45 6.12 -30.24
C TRP A 157 2.22 5.00 -30.94
N THR A 158 3.41 4.69 -30.41
CA THR A 158 4.20 3.55 -30.90
C THR A 158 4.51 2.60 -29.74
N GLU A 159 4.53 1.30 -30.02
CA GLU A 159 5.00 0.29 -29.06
C GLU A 159 6.44 0.58 -28.64
N SER A 160 7.23 1.10 -29.58
CA SER A 160 8.65 1.39 -29.31
C SER A 160 8.84 2.42 -28.17
N ALA A 161 8.12 3.52 -28.24
CA ALA A 161 8.17 4.53 -27.18
C ALA A 161 7.59 3.99 -25.88
N LYS A 162 6.45 3.30 -25.97
CA LYS A 162 5.83 2.70 -24.80
C LYS A 162 6.75 1.70 -24.09
N GLN A 163 7.46 0.86 -24.86
CA GLN A 163 8.44 -0.11 -24.31
C GLN A 163 9.60 0.57 -23.55
N LEU A 164 10.17 1.61 -24.16
CA LEU A 164 11.28 2.33 -23.53
C LEU A 164 10.81 3.09 -22.27
N ALA A 165 9.67 3.75 -22.40
CA ALA A 165 9.00 4.46 -21.29
C ALA A 165 8.75 3.53 -20.11
N THR A 166 8.32 2.31 -20.41
CA THR A 166 8.03 1.29 -19.40
C THR A 166 9.32 0.91 -18.66
N LEU A 167 10.38 0.71 -19.42
CA LEU A 167 11.66 0.33 -18.85
C LEU A 167 12.18 1.48 -17.97
N PHE A 168 12.06 2.71 -18.46
CA PHE A 168 12.40 3.92 -17.69
C PHE A 168 11.68 3.95 -16.34
N VAL A 169 10.38 3.71 -16.32
CA VAL A 169 9.65 3.68 -15.04
C VAL A 169 10.18 2.56 -14.14
N ASN A 170 10.25 1.33 -14.68
CA ASN A 170 10.76 0.17 -13.92
C ASN A 170 12.12 0.46 -13.30
N LEU A 171 13.03 1.06 -14.07
CA LEU A 171 14.39 1.35 -13.58
C LEU A 171 14.44 2.47 -12.52
N CYS A 172 13.67 3.52 -12.77
CA CYS A 172 13.64 4.68 -11.92
C CYS A 172 13.09 4.39 -10.53
N VAL A 173 12.00 3.64 -10.46
CA VAL A 173 11.27 3.47 -9.20
C VAL A 173 11.01 1.99 -8.81
N THR A 174 11.72 1.06 -9.48
CA THR A 174 11.67 -0.38 -9.18
C THR A 174 10.25 -0.90 -8.96
N ALA A 175 9.35 -0.46 -9.83
CA ALA A 175 7.95 -0.83 -9.74
C ALA A 175 7.36 -0.84 -11.16
N GLU A 176 6.22 -1.50 -11.29
CA GLU A 176 5.56 -1.63 -12.59
C GLU A 176 4.78 -0.36 -12.87
N THR A 177 4.57 -0.06 -14.15
CA THR A 177 3.82 1.13 -14.55
C THR A 177 2.39 1.15 -14.02
N HIS A 178 1.78 -0.02 -13.92
CA HIS A 178 0.42 -0.15 -13.38
C HIS A 178 0.34 -0.06 -11.84
N GLU A 179 1.48 -0.09 -11.16
CA GLU A 179 1.51 -0.03 -9.70
C GLU A 179 1.53 1.39 -9.16
N VAL A 180 2.08 2.32 -9.94
CA VAL A 180 2.38 3.66 -9.43
C VAL A 180 1.45 4.76 -9.96
N SER A 181 1.18 5.76 -9.10
CA SER A 181 0.46 6.96 -9.50
C SER A 181 1.25 7.72 -10.59
N ALA A 182 0.53 8.24 -11.60
CA ALA A 182 1.14 9.12 -12.61
C ALA A 182 1.63 10.43 -11.99
N LEU A 183 0.81 11.05 -11.13
CA LEU A 183 1.24 12.28 -10.40
C LEU A 183 2.53 12.08 -9.62
N TRP A 184 2.56 11.01 -8.81
CA TRP A 184 3.74 10.71 -8.00
C TRP A 184 4.97 10.48 -8.88
N PHE A 185 4.83 9.71 -9.95
CA PHE A 185 6.01 9.43 -10.78
C PHE A 185 6.52 10.70 -11.48
N LEU A 186 5.59 11.54 -11.94
CA LEU A 186 5.94 12.81 -12.59
C LEU A 186 6.59 13.76 -11.60
N TRP A 187 6.10 13.78 -10.37
CA TRP A 187 6.76 14.53 -9.31
C TRP A 187 8.16 13.98 -9.08
N TYR A 188 8.26 12.66 -8.91
CA TYR A 188 9.53 12.01 -8.61
C TYR A 188 10.61 12.41 -9.64
N VAL A 189 10.27 12.36 -10.92
CA VAL A 189 11.23 12.72 -11.95
C VAL A 189 11.60 14.21 -11.92
N LYS A 190 10.59 15.07 -11.81
CA LYS A 190 10.79 16.52 -11.74
C LYS A 190 11.68 16.94 -10.55
N GLN A 191 11.47 16.33 -9.39
CA GLN A 191 12.26 16.71 -8.22
C GLN A 191 13.71 16.20 -8.27
N CYS A 192 14.06 15.39 -9.28
CA CYS A 192 15.48 15.08 -9.51
C CYS A 192 16.04 15.97 -10.62
N GLY A 193 15.27 16.95 -11.08
CA GLY A 193 15.74 17.86 -12.12
C GLY A 193 15.31 17.47 -13.53
N GLY A 194 14.45 16.44 -13.66
CA GLY A 194 13.88 16.07 -14.97
C GLY A 194 14.46 14.82 -15.61
N THR A 195 13.93 14.45 -16.78
CA THR A 195 14.26 13.16 -17.41
C THR A 195 15.73 13.01 -17.77
N THR A 196 16.32 14.02 -18.41
CA THR A 196 17.75 13.95 -18.78
C THR A 196 18.65 13.78 -17.57
N ARG A 197 18.42 14.57 -16.53
CA ARG A 197 19.25 14.50 -15.34
C ARG A 197 19.11 13.12 -14.69
N ILE A 198 17.89 12.61 -14.59
CA ILE A 198 17.71 11.37 -13.85
C ILE A 198 18.30 10.15 -14.58
N ILE A 199 18.21 10.12 -15.92
CA ILE A 199 18.69 8.96 -16.71
C ILE A 199 20.15 8.99 -17.09
N SER A 200 20.81 10.14 -16.91
CA SER A 200 22.17 10.29 -17.41
C SER A 200 23.22 9.77 -16.46
N THR A 201 24.28 9.21 -17.06
CA THR A 201 25.51 8.88 -16.36
C THR A 201 26.36 10.16 -16.37
N THR A 202 27.02 10.44 -17.49
CA THR A 202 27.72 11.74 -17.64
C THR A 202 26.70 12.86 -17.48
N ASN A 203 26.99 13.79 -16.58
CA ASN A 203 26.10 14.92 -16.26
C ASN A 203 24.75 14.57 -15.60
N GLY A 204 24.65 13.38 -15.03
CA GLY A 204 23.43 13.03 -14.30
C GLY A 204 23.64 12.21 -13.05
N GLY A 205 22.56 11.61 -12.59
CA GLY A 205 22.54 10.88 -11.32
C GLY A 205 23.52 9.75 -11.18
N GLN A 206 23.87 9.10 -12.30
CA GLN A 206 24.76 7.91 -12.23
C GLN A 206 26.20 8.25 -12.59
N GLU A 207 26.58 9.53 -12.48
CA GLU A 207 27.90 9.94 -12.94
C GLU A 207 29.06 9.35 -12.13
N ARG A 208 28.87 9.22 -10.83
CA ARG A 208 29.98 8.90 -9.95
C ARG A 208 29.62 7.90 -8.85
N LYS A 209 30.66 7.32 -8.26
CA LYS A 209 30.58 6.51 -7.06
C LYS A 209 31.64 6.97 -6.05
N PHE A 210 31.47 6.58 -4.80
CA PHE A 210 32.50 6.86 -3.78
C PHE A 210 33.61 5.82 -3.81
N VAL A 211 34.85 6.30 -3.80
CA VAL A 211 36.00 5.42 -3.63
C VAL A 211 35.88 4.74 -2.27
N GLY A 212 35.81 3.41 -2.27
CA GLY A 212 35.70 2.66 -1.01
C GLY A 212 34.28 2.29 -0.60
N GLY A 213 33.29 2.83 -1.32
CA GLY A 213 31.88 2.53 -1.02
C GLY A 213 31.11 3.63 -0.32
N SER A 214 29.80 3.72 -0.59
CA SER A 214 28.94 4.71 0.04
C SER A 214 28.70 4.44 1.53
N GLY A 215 28.86 3.19 1.96
CA GLY A 215 28.59 2.83 3.36
C GLY A 215 29.53 3.52 4.34
N GLN A 216 30.64 4.03 3.83
CA GLN A 216 31.58 4.83 4.62
C GLN A 216 30.98 6.14 5.13
N VAL A 217 29.99 6.67 4.42
CA VAL A 217 29.30 7.89 4.89
C VAL A 217 28.69 7.63 6.28
N SER A 218 27.88 6.59 6.40
CA SER A 218 27.27 6.26 7.69
C SER A 218 28.28 5.77 8.72
N GLU A 219 29.26 4.97 8.27
CA GLU A 219 30.28 4.41 9.16
C GLU A 219 31.10 5.56 9.79
N ARG A 220 31.55 6.50 8.96
CA ARG A 220 32.37 7.60 9.45
C ARG A 220 31.61 8.53 10.39
N ILE A 221 30.32 8.76 10.14
CA ILE A 221 29.51 9.52 11.11
C ILE A 221 29.36 8.74 12.42
N MET A 222 29.21 7.41 12.34
CA MET A 222 29.18 6.57 13.53
C MET A 222 30.47 6.71 14.35
N ASP A 223 31.61 6.74 13.64
CA ASP A 223 32.93 6.95 14.27
C ASP A 223 32.98 8.26 15.05
N LEU A 224 32.46 9.32 14.45
CA LEU A 224 32.39 10.65 15.06
C LEU A 224 31.49 10.70 16.29
N LEU A 225 30.41 9.91 16.29
CA LEU A 225 29.41 9.98 17.35
C LEU A 225 29.79 9.04 18.50
N GLY A 226 30.72 8.12 18.24
CA GLY A 226 31.16 7.13 19.22
C GLY A 226 30.01 6.29 19.77
N ASP A 227 29.92 6.21 21.09
CA ASP A 227 28.98 5.35 21.79
C ASP A 227 27.52 5.83 21.73
N ARG A 228 27.27 6.96 21.09
CA ARG A 228 25.93 7.49 20.94
C ARG A 228 25.09 6.69 19.91
N VAL A 229 25.74 5.87 19.08
CA VAL A 229 25.03 4.98 18.16
C VAL A 229 24.85 3.62 18.83
N LYS A 230 23.58 3.20 18.98
CA LYS A 230 23.22 1.91 19.57
C LYS A 230 22.73 0.95 18.49
N LEU A 231 23.52 -0.08 18.22
CA LEU A 231 23.21 -1.07 17.21
C LEU A 231 22.36 -2.18 17.81
N GLU A 232 21.56 -2.82 16.97
CA GLU A 232 20.64 -3.87 17.38
C GLU A 232 19.68 -3.37 18.46
N ARG A 233 19.17 -2.15 18.22
CA ARG A 233 18.13 -1.53 19.04
C ARG A 233 16.94 -1.17 18.16
N PRO A 234 16.16 -2.18 17.71
CA PRO A 234 14.97 -1.83 16.96
C PRO A 234 13.98 -1.15 17.90
N VAL A 235 13.47 0.01 17.50
CA VAL A 235 12.45 0.71 18.27
C VAL A 235 11.10 0.04 18.09
N ILE A 236 10.43 -0.19 19.23
CA ILE A 236 9.12 -0.84 19.26
C ILE A 236 7.97 0.05 19.78
N TYR A 237 8.32 1.13 20.48
CA TYR A 237 7.33 1.89 21.23
C TYR A 237 7.77 3.32 21.45
N ILE A 238 6.88 4.26 21.13
CA ILE A 238 7.11 5.67 21.41
C ILE A 238 5.90 6.22 22.18
N ASP A 239 6.18 6.77 23.35
CA ASP A 239 5.17 7.31 24.25
C ASP A 239 5.41 8.82 24.41
N GLN A 240 4.43 9.61 24.00
CA GLN A 240 4.48 11.09 24.09
C GLN A 240 3.48 11.68 25.10
N THR A 241 2.93 10.84 25.97
CA THR A 241 1.92 11.28 26.94
C THR A 241 2.49 12.11 28.11
N ARG A 242 3.81 12.01 28.33
CA ARG A 242 4.45 12.70 29.46
C ARG A 242 5.40 13.83 29.03
N GLU A 243 6.03 14.48 30.01
CA GLU A 243 6.92 15.63 29.78
C GLU A 243 8.05 15.33 28.79
N ASN A 244 8.76 14.24 29.04
CA ASN A 244 9.82 13.76 28.14
C ASN A 244 9.27 12.61 27.29
N VAL A 245 9.68 12.57 26.02
CA VAL A 245 9.30 11.48 25.13
C VAL A 245 10.05 10.21 25.57
N LEU A 246 9.32 9.11 25.63
CA LEU A 246 9.89 7.81 25.98
C LEU A 246 9.94 6.89 24.78
N VAL A 247 11.14 6.41 24.47
CA VAL A 247 11.38 5.52 23.33
C VAL A 247 11.91 4.17 23.81
N GLU A 248 11.19 3.11 23.47
CA GLU A 248 11.61 1.77 23.89
C GLU A 248 12.08 0.88 22.74
N THR A 249 13.11 0.10 23.02
CA THR A 249 13.65 -0.83 22.04
C THR A 249 13.23 -2.28 22.30
N LEU A 250 13.43 -3.14 21.31
CA LEU A 250 13.08 -4.56 21.41
C LEU A 250 13.74 -5.31 22.59
N ASN A 251 15.01 -5.01 22.86
CA ASN A 251 15.72 -5.53 24.04
C ASN A 251 15.35 -4.88 25.38
N HIS A 252 14.25 -4.13 25.40
CA HIS A 252 13.69 -3.50 26.61
C HIS A 252 14.42 -2.27 27.17
N GLU A 253 15.42 -1.74 26.45
CA GLU A 253 16.06 -0.50 26.86
C GLU A 253 15.09 0.68 26.72
N MET A 254 15.24 1.66 27.60
CA MET A 254 14.38 2.84 27.59
C MET A 254 15.22 4.07 27.33
N TYR A 255 14.72 4.96 26.47
CA TYR A 255 15.39 6.23 26.20
C TYR A 255 14.42 7.38 26.36
N GLU A 256 14.89 8.42 27.02
CA GLU A 256 14.08 9.58 27.28
C GLU A 256 14.67 10.76 26.55
N ALA A 257 13.84 11.52 25.84
CA ALA A 257 14.33 12.68 25.08
C ALA A 257 13.31 13.80 25.01
N LYS A 258 13.76 15.00 24.67
CA LYS A 258 12.89 16.13 24.42
C LYS A 258 12.17 15.98 23.07
N TYR A 259 12.89 15.43 22.08
CA TYR A 259 12.37 15.29 20.73
C TYR A 259 12.81 13.98 20.09
N VAL A 260 12.08 13.54 19.06
CA VAL A 260 12.45 12.35 18.29
C VAL A 260 12.49 12.68 16.79
N ILE A 261 13.47 12.11 16.10
CA ILE A 261 13.47 12.10 14.63
C ILE A 261 13.25 10.65 14.18
N SER A 262 12.17 10.44 13.44
CA SER A 262 11.94 9.20 12.74
C SER A 262 12.68 9.24 11.39
N ALA A 263 13.80 8.53 11.28
CA ALA A 263 14.55 8.52 10.02
C ALA A 263 14.49 7.16 9.31
N ILE A 264 13.30 6.52 9.34
CA ILE A 264 13.07 5.21 8.73
C ILE A 264 12.08 5.38 7.56
N PRO A 265 12.08 4.42 6.61
CA PRO A 265 11.04 4.46 5.54
C PRO A 265 9.64 4.61 6.13
N PRO A 266 8.79 5.45 5.52
CA PRO A 266 7.46 5.76 6.10
C PRO A 266 6.68 4.56 6.58
N THR A 267 6.52 3.53 5.74
CA THR A 267 5.74 2.35 6.14
C THR A 267 6.33 1.60 7.34
N LEU A 268 7.65 1.66 7.50
CA LEU A 268 8.30 1.01 8.66
C LEU A 268 7.95 1.66 10.00
N GLY A 269 7.33 2.83 9.97
CA GLY A 269 6.72 3.40 11.17
C GLY A 269 5.68 2.45 11.78
N MET A 270 5.16 1.53 10.96
CA MET A 270 4.20 0.52 11.42
C MET A 270 4.79 -0.40 12.48
N LYS A 271 6.12 -0.54 12.48
CA LYS A 271 6.78 -1.44 13.43
C LYS A 271 6.86 -0.85 14.85
N ILE A 272 6.42 0.39 15.00
CA ILE A 272 6.43 1.08 16.28
C ILE A 272 4.99 1.20 16.76
N HIS A 273 4.78 0.90 18.05
CA HIS A 273 3.49 1.10 18.67
C HIS A 273 3.48 2.50 19.26
N PHE A 274 2.42 3.27 19.00
CA PHE A 274 2.40 4.67 19.42
C PHE A 274 1.40 4.93 20.51
N ASN A 275 1.80 5.77 21.47
CA ASN A 275 0.96 6.23 22.57
C ASN A 275 1.25 7.71 22.77
N PRO A 276 0.25 8.58 22.52
CA PRO A 276 -1.10 8.22 22.07
C PRO A 276 -1.05 7.71 20.61
N PRO A 277 -2.13 7.10 20.12
CA PRO A 277 -2.13 6.66 18.72
C PRO A 277 -1.79 7.81 17.77
N LEU A 278 -1.23 7.48 16.61
CA LEU A 278 -1.00 8.51 15.59
C LEU A 278 -2.32 9.16 15.16
N PRO A 279 -2.27 10.43 14.68
CA PRO A 279 -3.51 10.99 14.12
C PRO A 279 -3.96 10.13 12.93
N MET A 280 -5.24 10.21 12.59
CA MET A 280 -5.86 9.36 11.56
C MET A 280 -5.13 9.31 10.20
N MET A 281 -4.74 10.48 9.69
CA MET A 281 -4.11 10.55 8.38
C MET A 281 -2.78 9.82 8.33
N ARG A 282 -1.91 10.04 9.32
CA ARG A 282 -0.65 9.29 9.38
C ARG A 282 -0.86 7.78 9.64
N ASN A 283 -1.77 7.45 10.56
CA ASN A 283 -2.16 6.07 10.81
C ASN A 283 -2.43 5.28 9.53
N GLN A 284 -3.20 5.88 8.63
CA GLN A 284 -3.53 5.21 7.37
C GLN A 284 -2.44 5.38 6.33
N MET A 285 -1.79 6.54 6.30
CA MET A 285 -0.73 6.80 5.31
C MET A 285 0.34 5.70 5.33
N ILE A 286 0.76 5.30 6.53
CA ILE A 286 1.88 4.37 6.69
C ILE A 286 1.58 2.94 6.27
N THR A 287 0.33 2.67 5.89
CA THR A 287 -0.08 1.35 5.36
C THR A 287 -0.28 1.42 3.85
N ARG A 288 -0.05 2.60 3.27
CA ARG A 288 -0.41 2.90 1.89
C ARG A 288 0.81 3.15 1.00
N VAL A 289 2.02 2.96 1.54
CA VAL A 289 3.23 3.45 0.87
C VAL A 289 4.34 2.37 0.86
N PRO A 290 4.23 1.40 -0.06
CA PRO A 290 5.21 0.32 -0.18
C PRO A 290 6.50 0.80 -0.82
N LEU A 291 7.58 0.03 -0.62
CA LEU A 291 8.85 0.28 -1.35
C LEU A 291 8.94 -0.69 -2.54
N GLY A 292 9.77 -0.33 -3.52
CA GLY A 292 9.91 -1.12 -4.74
C GLY A 292 10.69 -2.41 -4.55
N SER A 293 10.83 -3.17 -5.63
CA SER A 293 11.48 -4.49 -5.59
C SER A 293 12.69 -4.54 -6.51
N VAL A 294 13.85 -4.93 -5.94
CA VAL A 294 15.07 -4.99 -6.73
C VAL A 294 16.09 -5.98 -6.15
N ILE A 295 16.77 -6.69 -7.06
CA ILE A 295 18.00 -7.40 -6.72
C ILE A 295 19.15 -6.73 -7.47
N LYS A 296 20.17 -6.31 -6.72
CA LYS A 296 21.34 -5.70 -7.31
C LYS A 296 22.39 -6.78 -7.42
N CYS A 297 22.88 -7.00 -8.64
CA CYS A 297 23.75 -8.13 -8.95
C CYS A 297 25.04 -7.65 -9.60
N ILE A 298 26.17 -8.15 -9.10
CA ILE A 298 27.47 -7.74 -9.64
C ILE A 298 28.26 -9.00 -10.08
N VAL A 299 28.55 -9.07 -11.38
CA VAL A 299 29.29 -10.20 -11.98
C VAL A 299 30.71 -9.73 -12.26
N TYR A 300 31.68 -10.47 -11.73
CA TYR A 300 33.11 -10.12 -11.85
C TYR A 300 33.78 -10.90 -12.97
N TYR A 301 34.69 -10.24 -13.67
CA TYR A 301 35.43 -10.86 -14.76
C TYR A 301 36.92 -10.58 -14.63
N LYS A 302 37.72 -11.34 -15.38
CA LYS A 302 39.18 -11.17 -15.35
C LYS A 302 39.59 -9.79 -15.86
N GLU A 303 38.95 -9.32 -16.93
CA GLU A 303 39.21 -7.99 -17.48
C GLU A 303 37.90 -7.33 -17.90
N PRO A 304 37.89 -5.99 -18.04
CA PRO A 304 36.72 -5.31 -18.56
C PRO A 304 36.66 -5.43 -20.10
N PHE A 305 36.43 -6.67 -20.56
CA PHE A 305 36.61 -7.04 -21.96
C PHE A 305 35.68 -6.29 -22.94
N TRP A 306 34.55 -5.80 -22.43
CA TRP A 306 33.59 -5.05 -23.25
C TRP A 306 34.17 -3.79 -23.84
N ARG A 307 35.12 -3.18 -23.12
CA ARG A 307 35.78 -1.95 -23.56
C ARG A 307 36.61 -2.17 -24.83
N LYS A 308 37.20 -3.36 -24.96
CA LYS A 308 37.94 -3.74 -26.18
C LYS A 308 37.06 -3.73 -27.43
N LYS A 309 35.75 -3.91 -27.24
CA LYS A 309 34.78 -3.87 -28.35
C LYS A 309 34.11 -2.52 -28.48
N ASP A 310 34.65 -1.55 -27.76
CA ASP A 310 34.16 -0.17 -27.76
C ASP A 310 32.74 -0.10 -27.17
N TYR A 311 32.51 -0.89 -26.11
CA TYR A 311 31.33 -0.78 -25.26
C TYR A 311 31.74 -0.36 -23.84
N CYS A 312 31.10 0.65 -23.28
CA CYS A 312 31.45 1.11 -21.94
C CYS A 312 30.97 0.17 -20.84
N GLY A 313 29.92 -0.59 -21.12
CA GLY A 313 29.39 -1.57 -20.15
C GLY A 313 27.94 -1.25 -19.79
N THR A 314 27.44 -0.12 -20.29
CA THR A 314 26.05 0.26 -20.11
C THR A 314 25.20 -0.50 -21.13
N MET A 315 24.19 -1.21 -20.62
CA MET A 315 23.24 -1.90 -21.46
C MET A 315 21.85 -1.54 -20.96
N ILE A 316 21.00 -1.14 -21.90
CA ILE A 316 19.59 -0.92 -21.67
C ILE A 316 18.88 -2.03 -22.42
N ILE A 317 18.26 -2.96 -21.68
CA ILE A 317 17.87 -4.24 -22.25
C ILE A 317 16.38 -4.40 -22.09
N ASP A 318 15.67 -4.33 -23.20
CA ASP A 318 14.24 -4.43 -23.18
C ASP A 318 13.80 -5.85 -23.45
N GLY A 319 12.68 -6.22 -22.85
CA GLY A 319 12.10 -7.52 -23.14
C GLY A 319 11.92 -8.37 -21.90
N GLU A 320 10.80 -9.10 -21.89
CA GLU A 320 10.37 -9.91 -20.77
C GLU A 320 11.36 -11.01 -20.42
N GLU A 321 12.08 -11.49 -21.43
CA GLU A 321 12.96 -12.63 -21.25
C GLU A 321 14.24 -12.26 -20.51
N ALA A 322 14.66 -11.00 -20.64
CA ALA A 322 15.86 -10.52 -20.00
C ALA A 322 15.65 -10.36 -18.48
N PRO A 323 16.41 -11.11 -17.67
CA PRO A 323 16.36 -10.94 -16.21
C PRO A 323 16.75 -9.51 -15.76
N VAL A 324 17.74 -8.92 -16.44
CA VAL A 324 18.30 -7.60 -16.08
C VAL A 324 18.00 -6.58 -17.16
N ALA A 325 17.40 -5.44 -16.80
CA ALA A 325 17.03 -4.42 -17.81
C ALA A 325 18.04 -3.30 -17.95
N TYR A 326 18.97 -3.22 -16.99
CA TYR A 326 19.97 -2.15 -17.00
C TYR A 326 21.23 -2.57 -16.28
N THR A 327 22.37 -2.23 -16.91
CA THR A 327 23.69 -2.49 -16.34
C THR A 327 24.57 -1.25 -16.45
N LEU A 328 25.58 -1.19 -15.58
CA LEU A 328 26.66 -0.22 -15.71
C LEU A 328 27.97 -0.97 -15.41
N ASP A 329 29.06 -0.47 -15.99
CA ASP A 329 30.39 -0.95 -15.65
C ASP A 329 30.67 -0.66 -14.17
N ASP A 330 31.10 -1.66 -13.41
CA ASP A 330 31.38 -1.50 -11.97
C ASP A 330 32.85 -1.79 -11.64
N THR A 331 33.70 -1.80 -12.67
CA THR A 331 35.16 -1.86 -12.54
C THR A 331 35.71 -0.74 -11.64
N LYS A 332 36.72 -1.06 -10.84
CA LYS A 332 37.33 -0.08 -9.94
C LYS A 332 38.03 0.98 -10.78
N PRO A 333 38.25 2.18 -10.22
CA PRO A 333 38.85 3.25 -11.03
C PRO A 333 40.28 2.92 -11.49
N GLU A 334 40.94 2.03 -10.76
CA GLU A 334 42.28 1.58 -11.11
C GLU A 334 42.26 0.66 -12.34
N GLY A 335 41.07 0.19 -12.70
CA GLY A 335 40.90 -0.65 -13.90
C GLY A 335 40.82 -2.12 -13.57
N ASN A 336 40.94 -2.45 -12.28
CA ASN A 336 40.85 -3.85 -11.84
C ASN A 336 39.51 -4.22 -11.17
N TYR A 337 39.37 -5.48 -10.79
CA TYR A 337 38.13 -6.04 -10.28
C TYR A 337 37.02 -5.73 -11.30
N ALA A 338 37.30 -6.01 -12.56
CA ALA A 338 36.38 -5.80 -13.67
C ALA A 338 35.04 -6.41 -13.33
N ALA A 339 33.98 -5.63 -13.52
CA ALA A 339 32.65 -6.09 -13.12
C ALA A 339 31.54 -5.41 -13.88
N ILE A 340 30.41 -6.11 -13.99
CA ILE A 340 29.19 -5.52 -14.48
C ILE A 340 28.15 -5.55 -13.36
N MET A 341 27.59 -4.38 -13.04
CA MET A 341 26.43 -4.25 -12.14
C MET A 341 25.14 -4.28 -12.96
N GLY A 342 24.18 -5.08 -12.52
CA GLY A 342 22.85 -5.09 -13.16
C GLY A 342 21.74 -5.15 -12.13
N PHE A 343 20.59 -4.58 -12.49
CA PHE A 343 19.41 -4.61 -11.63
C PHE A 343 18.39 -5.59 -12.16
N ILE A 344 17.84 -6.44 -11.30
CA ILE A 344 16.68 -7.24 -11.63
C ILE A 344 15.50 -6.50 -11.00
N LEU A 345 14.54 -6.08 -11.82
CA LEU A 345 13.58 -5.02 -11.42
C LEU A 345 12.14 -5.50 -11.24
N ALA A 346 11.50 -4.98 -10.20
CA ALA A 346 10.03 -5.06 -10.03
C ALA A 346 9.57 -6.52 -10.12
N HIS A 347 8.64 -6.87 -11.02
CA HIS A 347 8.16 -8.26 -11.04
C HIS A 347 9.23 -9.33 -11.26
N LYS A 348 10.31 -8.98 -11.96
CA LYS A 348 11.38 -9.94 -12.20
C LYS A 348 12.15 -10.28 -10.91
N ALA A 349 12.28 -9.29 -10.02
CA ALA A 349 12.90 -9.52 -8.71
C ALA A 349 12.12 -10.63 -8.00
N ARG A 350 10.79 -10.47 -7.98
CA ARG A 350 9.87 -11.46 -7.40
C ARG A 350 9.99 -12.82 -8.09
N LYS A 351 9.89 -12.84 -9.42
CA LYS A 351 10.02 -14.07 -10.21
C LYS A 351 11.35 -14.80 -10.02
N LEU A 352 12.46 -14.09 -10.18
CA LEU A 352 13.79 -14.71 -10.17
C LEU A 352 14.37 -15.02 -8.78
N ALA A 353 13.78 -14.44 -7.74
CA ALA A 353 14.18 -14.74 -6.36
C ALA A 353 14.01 -16.23 -6.01
N ARG A 354 13.16 -16.92 -6.77
CA ARG A 354 12.89 -18.35 -6.56
C ARG A 354 14.09 -19.21 -6.91
N LEU A 355 14.98 -18.67 -7.77
CA LEU A 355 16.17 -19.39 -8.23
C LEU A 355 17.28 -19.41 -7.18
N THR A 356 18.31 -20.23 -7.39
CA THR A 356 19.49 -20.14 -6.54
C THR A 356 20.40 -19.01 -7.06
N LYS A 357 21.36 -18.62 -6.22
CA LYS A 357 22.37 -17.65 -6.59
C LYS A 357 23.13 -18.09 -7.85
N GLU A 358 23.46 -19.38 -7.91
CA GLU A 358 24.20 -19.94 -9.05
C GLU A 358 23.37 -19.90 -10.32
N GLU A 359 22.06 -20.14 -10.19
CA GLU A 359 21.13 -20.08 -11.31
C GLU A 359 20.98 -18.64 -11.82
N ARG A 360 20.92 -17.67 -10.92
CA ARG A 360 20.85 -16.28 -11.35
C ARG A 360 22.13 -15.83 -12.07
N LEU A 361 23.29 -16.21 -11.53
CA LEU A 361 24.57 -15.89 -12.17
C LEU A 361 24.62 -16.42 -13.61
N LYS A 362 24.21 -17.68 -13.80
CA LYS A 362 24.18 -18.29 -15.13
C LYS A 362 23.28 -17.52 -16.11
N LYS A 363 22.07 -17.17 -15.66
CA LYS A 363 21.14 -16.38 -16.50
C LYS A 363 21.69 -15.01 -16.87
N LEU A 364 22.34 -14.34 -15.92
CA LEU A 364 22.94 -13.02 -16.20
C LEU A 364 24.09 -13.13 -17.19
N CYS A 365 24.94 -14.15 -17.02
CA CYS A 365 26.08 -14.33 -17.92
C CYS A 365 25.61 -14.61 -19.34
N GLU A 366 24.58 -15.43 -19.46
CA GLU A 366 24.05 -15.76 -20.78
C GLU A 366 23.40 -14.57 -21.48
N LEU A 367 22.70 -13.74 -20.69
CA LEU A 367 22.17 -12.47 -21.19
C LEU A 367 23.30 -11.52 -21.65
N TYR A 368 24.29 -11.31 -20.79
CA TYR A 368 25.41 -10.41 -21.10
C TYR A 368 26.19 -10.90 -22.34
N ALA A 369 26.45 -12.20 -22.43
CA ALA A 369 27.15 -12.74 -23.61
C ALA A 369 26.39 -12.38 -24.88
N LYS A 370 25.07 -12.54 -24.85
CA LYS A 370 24.21 -12.19 -25.99
C LYS A 370 24.27 -10.70 -26.31
N VAL A 371 24.10 -9.87 -25.28
CA VAL A 371 23.99 -8.42 -25.50
C VAL A 371 25.31 -7.84 -25.98
N LEU A 372 26.41 -8.30 -25.39
CA LEU A 372 27.78 -7.85 -25.69
C LEU A 372 28.37 -8.57 -26.93
N GLY A 373 27.65 -9.56 -27.44
CA GLY A 373 28.19 -10.45 -28.49
C GLY A 373 29.54 -11.06 -28.10
N SER A 374 29.64 -11.52 -26.86
CA SER A 374 30.93 -11.89 -26.29
C SER A 374 30.86 -13.17 -25.46
N LEU A 375 31.51 -14.22 -25.95
CA LEU A 375 31.70 -15.45 -25.17
C LEU A 375 32.42 -15.26 -23.83
N GLU A 376 33.30 -14.27 -23.71
CA GLU A 376 33.99 -13.96 -22.44
C GLU A 376 33.01 -13.75 -21.26
N ALA A 377 31.82 -13.23 -21.58
CA ALA A 377 30.80 -12.96 -20.56
C ALA A 377 30.35 -14.22 -19.86
N LEU A 378 30.67 -15.37 -20.45
CA LEU A 378 30.27 -16.67 -19.90
C LEU A 378 31.31 -17.18 -18.91
N GLU A 379 32.35 -16.38 -18.66
CA GLU A 379 33.43 -16.83 -17.78
C GLU A 379 33.67 -15.93 -16.56
N PRO A 380 32.65 -15.80 -15.69
CA PRO A 380 32.75 -14.94 -14.52
C PRO A 380 33.77 -15.52 -13.53
N VAL A 381 34.44 -14.65 -12.76
CA VAL A 381 35.41 -15.09 -11.75
C VAL A 381 34.84 -15.03 -10.34
N HIS A 382 33.76 -14.25 -10.19
CA HIS A 382 33.10 -14.04 -8.91
C HIS A 382 31.71 -13.43 -9.14
N TYR A 383 30.87 -13.50 -8.10
CA TYR A 383 29.51 -12.96 -8.16
C TYR A 383 29.09 -12.50 -6.79
N GLU A 384 28.47 -11.33 -6.72
CA GLU A 384 27.82 -10.85 -5.49
C GLU A 384 26.43 -10.30 -5.87
N GLU A 385 25.48 -10.43 -4.95
CA GLU A 385 24.12 -9.94 -5.18
C GLU A 385 23.45 -9.61 -3.86
N LYS A 386 22.41 -8.78 -3.90
CA LYS A 386 21.59 -8.55 -2.73
C LYS A 386 20.14 -8.30 -3.12
N ASN A 387 19.24 -9.13 -2.61
CA ASN A 387 17.81 -8.96 -2.77
C ASN A 387 17.26 -8.07 -1.64
N TRP A 388 16.90 -6.84 -1.98
CA TRP A 388 16.43 -5.89 -0.97
C TRP A 388 15.01 -6.14 -0.47
N CYS A 389 14.23 -6.95 -1.20
CA CYS A 389 12.86 -7.35 -0.85
C CYS A 389 12.79 -8.16 0.44
N GLU A 390 13.89 -8.82 0.80
CA GLU A 390 13.89 -9.68 1.98
C GLU A 390 14.24 -8.94 3.28
N GLU A 391 14.57 -7.65 3.18
CA GLU A 391 15.00 -6.84 4.33
C GLU A 391 13.84 -6.33 5.19
N GLN A 392 13.71 -6.91 6.38
CA GLN A 392 12.71 -6.50 7.37
C GLN A 392 12.84 -5.01 7.70
N TYR A 393 14.08 -4.51 7.73
CA TYR A 393 14.30 -3.13 8.18
C TYR A 393 14.57 -2.12 7.05
N SER A 394 14.30 -2.54 5.80
CA SER A 394 14.20 -1.63 4.65
C SER A 394 12.80 -1.71 4.01
N GLY A 395 12.33 -2.93 3.75
CA GLY A 395 11.03 -3.13 3.09
C GLY A 395 11.13 -3.23 1.58
N GLY A 396 12.32 -2.88 1.04
CA GLY A 396 12.56 -2.85 -0.40
C GLY A 396 13.59 -1.80 -0.75
N CYS A 397 13.72 -1.52 -2.06
CA CYS A 397 14.62 -0.50 -2.61
C CYS A 397 14.15 -0.13 -4.03
N TYR A 398 14.54 1.06 -4.55
CA TYR A 398 15.37 2.03 -3.82
C TYR A 398 14.60 2.78 -2.76
N THR A 399 13.31 2.98 -3.01
CA THR A 399 12.51 3.91 -2.21
C THR A 399 11.02 3.57 -2.23
N THR A 400 10.26 4.44 -1.57
CA THR A 400 8.83 4.35 -1.45
C THR A 400 8.11 4.86 -2.71
N TYR A 401 7.20 4.04 -3.23
CA TYR A 401 6.32 4.54 -4.28
C TYR A 401 4.89 4.75 -3.78
N PHE A 402 4.14 5.59 -4.50
CA PHE A 402 2.78 5.92 -4.14
C PHE A 402 1.87 5.35 -5.22
N PRO A 403 1.00 4.40 -4.85
CA PRO A 403 -0.03 3.87 -5.74
C PRO A 403 -1.08 4.95 -6.04
N PRO A 404 -1.93 4.73 -7.06
CA PRO A 404 -2.90 5.76 -7.45
C PRO A 404 -3.83 6.20 -6.29
N GLY A 405 -4.02 7.52 -6.19
CA GLY A 405 -4.91 8.13 -5.19
C GLY A 405 -4.30 8.52 -3.86
N ILE A 406 -3.08 8.06 -3.58
CA ILE A 406 -2.49 8.20 -2.26
C ILE A 406 -1.81 9.54 -1.98
N LEU A 407 -1.01 10.01 -2.92
CA LEU A 407 -0.25 11.24 -2.76
C LEU A 407 -1.13 12.49 -2.54
N THR A 408 -2.26 12.58 -3.26
CA THR A 408 -3.18 13.71 -3.04
C THR A 408 -3.94 13.60 -1.71
N GLN A 409 -4.28 12.39 -1.31
CA GLN A 409 -5.06 12.21 -0.08
C GLN A 409 -4.19 12.26 1.18
N TYR A 410 -2.99 11.72 1.09
CA TYR A 410 -2.14 11.53 2.29
C TYR A 410 -0.82 12.23 2.25
N GLY A 411 -0.42 12.69 1.06
CA GLY A 411 0.92 13.26 0.83
C GLY A 411 1.32 14.38 1.78
N ARG A 412 0.37 15.23 2.12
CA ARG A 412 0.71 16.37 2.99
C ARG A 412 1.15 16.03 4.42
N VAL A 413 0.94 14.79 4.89
CA VAL A 413 1.33 14.46 6.27
C VAL A 413 2.69 13.77 6.38
N LEU A 414 3.28 13.46 5.23
CA LEU A 414 4.56 12.75 5.18
C LEU A 414 5.62 13.29 6.15
N ARG A 415 5.87 14.61 6.10
CA ARG A 415 6.81 15.25 7.02
C ARG A 415 6.17 16.23 8.02
N GLN A 416 4.86 16.11 8.19
CA GLN A 416 4.18 16.87 9.23
C GLN A 416 4.54 16.29 10.63
N PRO A 417 5.11 17.13 11.52
CA PRO A 417 5.48 16.63 12.85
C PRO A 417 4.29 16.08 13.61
N VAL A 418 4.53 15.07 14.45
CA VAL A 418 3.49 14.54 15.31
C VAL A 418 3.91 14.83 16.75
N ASP A 419 3.44 15.98 17.27
CA ASP A 419 3.81 16.46 18.61
C ASP A 419 5.32 16.73 18.61
N ARG A 420 6.09 15.84 19.23
CA ARG A 420 7.55 16.01 19.33
C ARG A 420 8.34 15.04 18.43
N ILE A 421 7.63 14.33 17.54
CA ILE A 421 8.28 13.53 16.50
C ILE A 421 8.36 14.28 15.17
N TYR A 422 9.57 14.36 14.63
CA TYR A 422 9.86 15.03 13.37
C TYR A 422 10.36 13.95 12.41
N PHE A 423 10.11 14.15 11.12
CA PHE A 423 10.29 13.09 10.14
C PHE A 423 11.38 13.40 9.12
N ALA A 424 12.40 12.54 9.14
CA ALA A 424 13.51 12.62 8.19
C ALA A 424 13.32 11.45 7.22
N GLY A 425 14.42 10.95 6.64
CA GLY A 425 14.34 9.85 5.66
C GLY A 425 14.23 10.41 4.25
N THR A 426 14.84 9.74 3.28
CA THR A 426 14.85 10.26 1.90
C THR A 426 13.47 10.55 1.31
N GLU A 427 12.47 9.81 1.79
CA GLU A 427 11.12 9.93 1.26
C GLU A 427 10.50 11.30 1.52
N THR A 428 11.07 12.03 2.49
CA THR A 428 10.53 13.35 2.90
C THR A 428 11.29 14.51 2.24
N ALA A 429 12.32 14.22 1.46
CA ALA A 429 13.07 15.27 0.76
C ALA A 429 12.26 15.90 -0.35
N THR A 430 12.72 17.07 -0.81
CA THR A 430 12.06 17.78 -1.91
C THR A 430 12.95 17.87 -3.13
N HIS A 431 14.21 17.44 -3.01
CA HIS A 431 15.14 17.42 -4.13
C HIS A 431 15.96 16.13 -4.05
N TRP A 432 15.84 15.28 -5.08
CA TRP A 432 16.43 13.93 -5.06
C TRP A 432 15.91 13.06 -3.91
N SER A 433 14.62 13.18 -3.60
CA SER A 433 13.95 12.21 -2.72
C SER A 433 14.11 10.85 -3.38
N GLY A 434 14.38 9.81 -2.56
CA GLY A 434 14.65 8.46 -3.08
C GLY A 434 16.13 8.08 -3.10
N TYR A 435 16.98 9.09 -2.99
CA TYR A 435 18.44 8.99 -3.14
C TYR A 435 19.16 9.31 -1.83
N MET A 436 20.45 9.03 -1.78
CA MET A 436 21.31 9.44 -0.69
C MET A 436 21.28 10.96 -0.49
N GLU A 437 21.24 11.71 -1.60
CA GLU A 437 21.08 13.18 -1.56
C GLU A 437 19.84 13.59 -0.76
N GLY A 438 18.69 13.00 -1.08
CA GLY A 438 17.45 13.31 -0.36
C GLY A 438 17.49 12.94 1.12
N ALA A 439 18.25 11.89 1.42
CA ALA A 439 18.42 11.46 2.80
C ALA A 439 19.11 12.55 3.62
N VAL A 440 20.15 13.17 3.03
CA VAL A 440 20.90 14.23 3.69
C VAL A 440 20.02 15.46 3.87
N GLU A 441 19.30 15.86 2.80
CA GLU A 441 18.40 17.01 2.87
C GLU A 441 17.37 16.84 3.99
N ALA A 442 16.73 15.67 4.02
CA ALA A 442 15.67 15.40 4.99
C ALA A 442 16.20 15.29 6.42
N GLY A 443 17.37 14.66 6.59
CA GLY A 443 17.98 14.52 7.93
C GLY A 443 18.30 15.89 8.54
N GLU A 444 18.97 16.72 7.76
CA GLU A 444 19.40 18.03 8.20
C GLU A 444 18.22 19.00 8.38
N ARG A 445 17.23 18.92 7.50
CA ARG A 445 16.01 19.74 7.65
C ARG A 445 15.22 19.36 8.93
N ALA A 446 15.12 18.06 9.21
CA ALA A 446 14.42 17.60 10.42
C ALA A 446 15.16 18.02 11.71
N ALA A 447 16.49 17.91 11.71
CA ALA A 447 17.32 18.39 12.82
C ALA A 447 17.05 19.89 13.06
N ARG A 448 16.98 20.67 11.99
CA ARG A 448 16.76 22.11 12.11
C ARG A 448 15.34 22.48 12.53
N GLU A 449 14.37 21.67 12.15
CA GLU A 449 13.01 21.83 12.69
C GLU A 449 13.01 21.75 14.22
N ILE A 450 13.81 20.83 14.76
CA ILE A 450 13.99 20.70 16.21
C ILE A 450 14.78 21.88 16.82
N LEU A 451 15.88 22.30 16.18
CA LEU A 451 16.61 23.47 16.64
C LEU A 451 15.70 24.71 16.71
N HIS A 452 14.84 24.87 15.72
CA HIS A 452 13.87 25.95 15.72
C HIS A 452 12.86 25.80 16.85
N ALA A 453 12.36 24.58 17.07
CA ALA A 453 11.44 24.31 18.17
C ALA A 453 12.07 24.64 19.51
N MET A 454 13.38 24.52 19.60
CA MET A 454 14.11 24.78 20.83
C MET A 454 14.43 26.26 21.03
N GLY A 455 14.16 27.07 20.00
CA GLY A 455 14.41 28.51 20.03
C GLY A 455 15.83 28.87 19.65
N LYS A 456 16.56 27.91 19.07
CA LYS A 456 17.98 28.09 18.77
C LYS A 456 18.26 28.71 17.41
N ILE A 457 17.32 28.57 16.48
CA ILE A 457 17.46 29.20 15.16
C ILE A 457 16.12 29.79 14.71
N PRO A 458 16.14 30.81 13.82
CA PRO A 458 14.86 31.34 13.29
C PRO A 458 14.20 30.38 12.29
N GLU A 459 12.88 30.53 12.11
CA GLU A 459 12.08 29.70 11.20
C GLU A 459 12.72 29.69 9.80
N ASP A 460 13.23 30.88 9.47
CA ASP A 460 14.00 31.19 8.29
C ASP A 460 15.10 30.20 7.92
N GLU A 461 15.65 29.50 8.92
CA GLU A 461 16.83 28.68 8.71
C GLU A 461 16.56 27.17 8.68
N ILE A 462 15.28 26.80 8.79
CA ILE A 462 14.89 25.39 8.75
C ILE A 462 15.26 24.77 7.40
N TRP A 463 14.88 25.42 6.30
CA TRP A 463 15.25 24.97 4.96
C TRP A 463 16.45 25.77 4.47
N GLN A 464 17.53 25.07 4.12
CA GLN A 464 18.79 25.73 3.81
C GLN A 464 19.27 25.32 2.43
N SER A 465 19.58 26.31 1.59
CA SER A 465 20.17 26.08 0.27
C SER A 465 21.59 25.53 0.41
N GLU A 466 22.08 24.85 -0.64
CA GLU A 466 23.41 24.23 -0.63
C GLU A 466 24.29 24.80 -1.72
N PRO A 467 25.51 25.28 -1.36
CA PRO A 467 26.43 25.72 -2.40
C PRO A 467 26.76 24.55 -3.36
N GLU A 468 26.92 24.86 -4.64
CA GLU A 468 27.25 23.85 -5.66
C GLU A 468 28.63 23.28 -5.42
N SER A 469 28.76 21.96 -5.57
CA SER A 469 30.06 21.28 -5.47
C SER A 469 31.05 21.89 -6.47
N VAL A 470 32.29 22.12 -6.06
CA VAL A 470 33.35 22.55 -6.97
C VAL A 470 33.99 21.35 -7.67
N ASP A 471 33.83 20.17 -7.10
CA ASP A 471 34.40 18.93 -7.63
C ASP A 471 33.49 18.26 -8.67
N VAL A 472 32.19 18.47 -8.53
CA VAL A 472 31.20 17.85 -9.41
C VAL A 472 30.27 18.94 -9.96
N PRO A 473 30.79 19.76 -10.90
CA PRO A 473 29.97 20.85 -11.39
C PRO A 473 28.85 20.34 -12.32
N ALA A 474 27.73 21.07 -12.35
CA ALA A 474 26.55 20.66 -13.07
C ALA A 474 26.37 21.43 -14.38
N GLN A 475 26.48 20.73 -15.51
CA GLN A 475 26.14 21.32 -16.80
C GLN A 475 24.64 21.45 -16.86
N PRO A 476 24.13 22.55 -17.45
CA PRO A 476 22.69 22.73 -17.53
C PRO A 476 22.06 21.72 -18.49
N ILE A 477 20.77 21.47 -18.33
CA ILE A 477 20.05 20.61 -19.24
C ILE A 477 19.51 21.45 -20.41
N THR A 478 19.89 21.08 -21.62
CA THR A 478 19.50 21.85 -22.81
C THR A 478 18.58 21.04 -23.69
N THR A 479 17.74 21.73 -24.47
CA THR A 479 16.98 21.10 -25.55
C THR A 479 17.33 21.77 -26.88
N THR A 480 17.02 21.09 -27.99
CA THR A 480 17.21 21.70 -29.30
C THR A 480 15.90 22.35 -29.74
N PHE A 481 15.99 23.22 -30.74
CA PHE A 481 14.81 23.81 -31.36
C PHE A 481 13.81 22.77 -31.88
N LEU A 482 14.32 21.75 -32.58
CA LEU A 482 13.48 20.69 -33.13
C LEU A 482 12.82 19.88 -32.01
N GLU A 483 13.59 19.54 -30.98
CA GLU A 483 13.08 18.84 -29.80
C GLU A 483 11.89 19.57 -29.19
N ARG A 484 12.06 20.87 -29.01
CA ARG A 484 11.01 21.74 -28.49
C ARG A 484 9.77 21.86 -29.38
N HIS A 485 9.96 21.90 -30.70
CA HIS A 485 8.85 22.22 -31.60
C HIS A 485 8.29 21.14 -32.54
N LEU A 486 8.99 20.02 -32.68
CA LEU A 486 8.46 18.93 -33.50
C LEU A 486 7.11 18.49 -32.94
N PRO A 487 6.17 18.13 -33.81
CA PRO A 487 4.86 17.73 -33.30
C PRO A 487 4.88 16.32 -32.72
N SER A 488 3.88 16.03 -31.87
CA SER A 488 3.58 14.66 -31.46
C SER A 488 2.99 13.93 -32.67
N VAL A 489 2.75 12.63 -32.53
CA VAL A 489 2.03 11.86 -33.56
C VAL A 489 0.61 12.44 -33.81
N PRO A 490 -0.23 12.59 -32.75
CA PRO A 490 -1.57 13.12 -33.01
C PRO A 490 -1.57 14.55 -33.55
N GLY A 491 -0.57 15.34 -33.15
CA GLY A 491 -0.34 16.67 -33.68
C GLY A 491 0.00 16.70 -35.17
N LEU A 492 0.84 15.77 -35.62
CA LEU A 492 1.10 15.56 -37.04
C LEU A 492 -0.19 15.20 -37.79
N LEU A 493 -1.00 14.32 -37.18
CA LEU A 493 -2.27 13.90 -37.76
C LEU A 493 -3.27 15.06 -37.85
N ARG A 494 -3.31 15.90 -36.82
CA ARG A 494 -4.17 17.10 -36.81
C ARG A 494 -3.75 18.07 -37.91
N LEU A 495 -2.44 18.15 -38.14
CA LEU A 495 -1.88 18.98 -39.20
C LEU A 495 -2.23 18.44 -40.59
N ILE A 496 -2.25 17.11 -40.72
CA ILE A 496 -2.66 16.44 -41.96
C ILE A 496 -4.16 16.64 -42.23
N GLY A 497 -4.99 16.49 -41.20
CA GLY A 497 -6.43 16.69 -41.34
C GLY A 497 -6.82 18.12 -41.69
N LEU A 498 -5.89 19.06 -41.49
CA LEU A 498 -6.13 20.50 -41.64
C LEU A 498 -5.86 20.99 -43.07
N THR A 499 -4.83 20.43 -43.69
CA THR A 499 -4.46 20.73 -45.08
C THR A 499 -5.38 19.99 -46.06
N THR A 500 -5.91 18.86 -45.61
CA THR A 500 -6.93 18.11 -46.35
C THR A 500 -8.32 18.79 -46.23
N ILE A 501 -8.31 20.13 -46.15
CA ILE A 501 -9.51 20.96 -46.08
C ILE A 501 -9.23 22.38 -46.60
N ASN B 3 2.52 -18.01 30.31
CA ASN B 3 3.73 -18.66 29.71
C ASN B 3 3.39 -19.76 28.67
N LYS B 4 3.28 -21.03 29.07
CA LYS B 4 3.24 -22.15 28.10
C LYS B 4 1.85 -22.67 27.76
N CYS B 5 1.63 -22.94 26.48
CA CYS B 5 0.35 -23.46 26.00
C CYS B 5 0.54 -24.19 24.67
N ASP B 6 -0.55 -24.72 24.09
CA ASP B 6 -0.46 -25.35 22.77
C ASP B 6 -0.45 -24.34 21.60
N VAL B 7 -1.37 -23.37 21.64
CA VAL B 7 -1.49 -22.35 20.59
C VAL B 7 -1.71 -20.95 21.14
N VAL B 8 -0.88 -20.01 20.72
CA VAL B 8 -1.13 -18.59 20.93
C VAL B 8 -1.91 -18.04 19.73
N VAL B 9 -3.05 -17.40 20.01
CA VAL B 9 -3.81 -16.70 18.97
C VAL B 9 -3.56 -15.21 19.15
N VAL B 10 -3.02 -14.58 18.12
CA VAL B 10 -2.79 -13.14 18.15
C VAL B 10 -4.03 -12.44 17.55
N GLY B 11 -4.76 -11.72 18.40
CA GLY B 11 -5.96 -11.00 17.99
C GLY B 11 -7.25 -11.62 18.50
N GLY B 12 -8.04 -10.82 19.20
CA GLY B 12 -9.33 -11.27 19.74
C GLY B 12 -10.54 -10.68 19.06
N GLY B 13 -10.50 -10.61 17.73
CA GLY B 13 -11.69 -10.27 16.94
C GLY B 13 -12.43 -11.56 16.73
N ILE B 14 -13.47 -11.54 15.89
CA ILE B 14 -14.25 -12.74 15.63
C ILE B 14 -13.39 -13.92 15.11
N SER B 15 -12.42 -13.64 14.27
CA SER B 15 -11.63 -14.70 13.66
C SER B 15 -10.75 -15.40 14.71
N GLY B 16 -10.01 -14.62 15.47
CA GLY B 16 -9.16 -15.12 16.56
C GLY B 16 -9.98 -15.85 17.63
N MET B 17 -11.10 -15.26 18.03
CA MET B 17 -12.01 -15.90 18.99
C MET B 17 -12.60 -17.21 18.49
N ALA B 18 -13.02 -17.25 17.22
CA ALA B 18 -13.53 -18.48 16.60
C ALA B 18 -12.46 -19.60 16.52
N ALA B 19 -11.22 -19.21 16.20
CA ALA B 19 -10.09 -20.14 16.18
C ALA B 19 -9.83 -20.68 17.58
N ALA B 20 -9.69 -19.78 18.55
CA ALA B 20 -9.46 -20.15 19.95
C ALA B 20 -10.55 -21.08 20.50
N LYS B 21 -11.82 -20.72 20.27
CA LYS B 21 -12.93 -21.59 20.67
C LYS B 21 -12.80 -23.00 20.09
N LEU B 22 -12.54 -23.11 18.78
CA LEU B 22 -12.43 -24.42 18.14
C LEU B 22 -11.31 -25.25 18.81
N LEU B 23 -10.12 -24.65 18.95
CA LEU B 23 -8.97 -25.32 19.55
C LEU B 23 -9.26 -25.75 21.00
N HIS B 24 -9.83 -24.83 21.79
CA HIS B 24 -10.25 -25.09 23.16
C HIS B 24 -11.23 -26.25 23.26
N ASP B 25 -12.27 -26.23 22.41
CA ASP B 25 -13.26 -27.31 22.35
C ASP B 25 -12.63 -28.66 21.99
N SER B 26 -11.51 -28.62 21.26
CA SER B 26 -10.77 -29.84 20.85
C SER B 26 -9.90 -30.38 21.98
N GLY B 27 -9.78 -29.59 23.06
CA GLY B 27 -9.00 -29.97 24.22
C GLY B 27 -7.59 -29.41 24.31
N LEU B 28 -7.22 -28.48 23.41
CA LEU B 28 -5.92 -27.84 23.49
C LEU B 28 -5.93 -26.66 24.46
N ASN B 29 -4.75 -26.32 24.98
CA ASN B 29 -4.57 -25.12 25.81
C ASN B 29 -4.23 -23.92 24.92
N VAL B 30 -5.15 -22.95 24.89
CA VAL B 30 -5.02 -21.78 24.03
C VAL B 30 -4.93 -20.51 24.86
N VAL B 31 -4.17 -19.54 24.37
CA VAL B 31 -4.12 -18.19 24.89
C VAL B 31 -4.40 -17.22 23.72
N VAL B 32 -5.24 -16.21 23.99
CA VAL B 32 -5.54 -15.17 23.03
C VAL B 32 -4.89 -13.91 23.54
N LEU B 33 -3.99 -13.35 22.75
CA LEU B 33 -3.37 -12.07 23.07
C LEU B 33 -4.04 -10.97 22.23
N GLU B 34 -4.68 -10.03 22.93
CA GLU B 34 -5.44 -8.94 22.32
C GLU B 34 -4.80 -7.58 22.68
N ALA B 35 -4.52 -6.77 21.67
CA ALA B 35 -3.91 -5.44 21.86
C ALA B 35 -4.74 -4.43 22.64
N ARG B 36 -6.06 -4.43 22.43
CA ARG B 36 -6.99 -3.47 23.05
C ARG B 36 -7.51 -3.91 24.42
N ASP B 37 -8.16 -2.97 25.11
CA ASP B 37 -8.83 -3.25 26.38
C ASP B 37 -10.19 -3.90 26.17
N ARG B 38 -10.43 -4.41 24.96
CA ARG B 38 -11.68 -5.09 24.62
C ARG B 38 -11.43 -6.12 23.51
N VAL B 39 -12.35 -7.06 23.38
CA VAL B 39 -12.40 -7.98 22.24
C VAL B 39 -13.38 -7.44 21.18
N GLY B 40 -13.40 -8.05 19.99
CA GLY B 40 -14.36 -7.65 18.96
C GLY B 40 -13.72 -7.04 17.73
N GLY B 41 -12.63 -6.29 17.94
CA GLY B 41 -11.88 -5.76 16.82
C GLY B 41 -12.69 -4.79 15.99
N ARG B 42 -12.94 -5.16 14.72
CA ARG B 42 -13.73 -4.32 13.81
C ARG B 42 -15.25 -4.39 14.06
N THR B 43 -15.65 -5.23 15.02
CA THR B 43 -16.96 -5.13 15.62
C THR B 43 -16.82 -4.43 16.97
N TYR B 44 -17.77 -3.57 17.29
CA TYR B 44 -17.78 -2.83 18.55
C TYR B 44 -19.22 -2.41 18.84
N THR B 45 -19.78 -2.95 19.92
CA THR B 45 -21.16 -2.59 20.31
C THR B 45 -21.10 -1.66 21.51
N LEU B 46 -21.53 -0.42 21.29
CA LEU B 46 -21.62 0.57 22.35
C LEU B 46 -22.97 0.46 23.07
N ARG B 47 -22.93 0.49 24.41
CA ARG B 47 -24.14 0.55 25.23
C ARG B 47 -24.23 1.81 26.05
N ASN B 48 -25.35 2.49 25.97
CA ASN B 48 -25.71 3.57 26.87
C ASN B 48 -27.21 3.69 26.90
N GLN B 49 -27.73 4.53 27.78
CA GLN B 49 -29.16 4.60 27.99
C GLN B 49 -29.87 5.19 26.76
N LYS B 50 -29.19 6.12 26.07
CA LYS B 50 -29.80 6.80 24.92
C LYS B 50 -30.05 5.85 23.74
N VAL B 51 -29.11 4.94 23.49
CA VAL B 51 -29.21 4.06 22.32
C VAL B 51 -29.63 2.62 22.68
N LYS B 52 -29.51 2.29 23.96
CA LYS B 52 -29.56 0.92 24.50
C LYS B 52 -28.30 0.16 24.07
N TYR B 53 -28.23 -0.20 22.80
CA TYR B 53 -26.99 -0.72 22.20
C TYR B 53 -26.92 -0.26 20.74
N VAL B 54 -25.71 -0.08 20.22
CA VAL B 54 -25.51 0.20 18.80
C VAL B 54 -24.19 -0.38 18.28
N ASP B 55 -24.27 -0.99 17.10
CA ASP B 55 -23.08 -1.49 16.42
C ASP B 55 -22.39 -0.33 15.74
N LEU B 56 -21.17 -0.02 16.19
CA LEU B 56 -20.39 1.05 15.57
C LEU B 56 -19.41 0.50 14.54
N GLY B 57 -19.24 -0.82 14.54
CA GLY B 57 -18.43 -1.51 13.54
C GLY B 57 -19.31 -2.47 12.75
N GLY B 58 -18.76 -3.63 12.41
CA GLY B 58 -19.52 -4.68 11.70
C GLY B 58 -20.83 -5.04 12.39
N SER B 59 -21.88 -5.18 11.59
CA SER B 59 -23.25 -5.32 12.10
C SER B 59 -24.13 -6.34 11.36
N TYR B 60 -24.15 -6.26 10.03
CA TYR B 60 -25.12 -6.99 9.22
C TYR B 60 -24.69 -8.42 8.93
N VAL B 61 -25.69 -9.31 8.93
CA VAL B 61 -25.52 -10.70 8.47
C VAL B 61 -26.72 -11.05 7.60
N GLY B 62 -26.60 -12.07 6.77
CA GLY B 62 -27.67 -12.41 5.86
C GLY B 62 -27.56 -13.81 5.30
N PRO B 63 -28.53 -14.22 4.47
CA PRO B 63 -28.51 -15.54 3.83
C PRO B 63 -27.15 -15.87 3.20
N THR B 64 -26.79 -17.14 3.31
CA THR B 64 -25.50 -17.74 2.84
C THR B 64 -24.30 -17.48 3.76
N GLN B 65 -24.49 -16.67 4.80
CA GLN B 65 -23.45 -16.49 5.82
C GLN B 65 -23.68 -17.48 6.98
N ASN B 66 -23.57 -18.77 6.68
CA ASN B 66 -24.00 -19.81 7.59
C ASN B 66 -23.10 -20.04 8.81
N ARG B 67 -21.83 -19.70 8.70
CA ARG B 67 -20.87 -19.90 9.77
C ARG B 67 -21.07 -18.92 10.91
N ILE B 68 -21.15 -17.62 10.60
CA ILE B 68 -21.42 -16.61 11.62
C ILE B 68 -22.80 -16.83 12.28
N LEU B 69 -23.78 -17.20 11.49
CA LEU B 69 -25.09 -17.52 12.00
C LEU B 69 -25.04 -18.72 13.00
N ARG B 70 -24.31 -19.77 12.63
CA ARG B 70 -24.20 -20.97 13.49
C ARG B 70 -23.46 -20.66 14.80
N LEU B 71 -22.34 -19.97 14.68
CA LEU B 71 -21.55 -19.58 15.84
C LEU B 71 -22.36 -18.71 16.82
N ALA B 72 -22.99 -17.66 16.28
CA ALA B 72 -23.79 -16.76 17.07
C ALA B 72 -24.96 -17.51 17.74
N LYS B 73 -25.65 -18.36 17.00
CA LYS B 73 -26.76 -19.15 17.54
C LYS B 73 -26.30 -20.03 18.73
N GLU B 74 -25.17 -20.71 18.56
CA GLU B 74 -24.59 -21.52 19.63
C GLU B 74 -24.28 -20.70 20.88
N LEU B 75 -23.90 -19.45 20.67
CA LEU B 75 -23.64 -18.56 21.78
C LEU B 75 -24.92 -17.95 22.39
N GLY B 76 -26.08 -18.28 21.84
CA GLY B 76 -27.34 -17.84 22.44
C GLY B 76 -27.87 -16.52 21.86
N LEU B 77 -27.32 -16.11 20.72
CA LEU B 77 -27.75 -14.88 20.04
C LEU B 77 -28.89 -15.13 19.04
N GLU B 78 -29.67 -14.07 18.80
CA GLU B 78 -30.76 -14.08 17.83
C GLU B 78 -30.60 -12.91 16.85
N THR B 79 -31.17 -13.03 15.65
CA THR B 79 -31.15 -11.96 14.67
C THR B 79 -32.55 -11.32 14.55
N TYR B 80 -32.58 -10.13 13.97
CA TYR B 80 -33.82 -9.54 13.51
C TYR B 80 -33.55 -8.89 12.15
N LYS B 81 -34.63 -8.64 11.41
CA LYS B 81 -34.57 -8.13 10.05
C LYS B 81 -34.46 -6.61 10.01
N VAL B 82 -33.46 -6.13 9.24
CA VAL B 82 -33.34 -4.70 8.94
C VAL B 82 -34.61 -4.27 8.21
N ASN B 83 -35.13 -3.09 8.58
CA ASN B 83 -36.38 -2.65 7.99
C ASN B 83 -36.27 -2.40 6.48
N GLU B 84 -37.01 -3.19 5.71
CA GLU B 84 -37.13 -2.94 4.27
C GLU B 84 -38.57 -3.11 3.77
N VAL B 85 -39.53 -2.81 4.63
CA VAL B 85 -40.95 -2.94 4.30
C VAL B 85 -41.40 -1.89 3.26
N GLU B 86 -41.07 -0.63 3.49
CA GLU B 86 -41.49 0.48 2.62
C GLU B 86 -40.47 0.74 1.50
N ARG B 87 -40.55 1.89 0.82
CA ARG B 87 -39.76 2.09 -0.41
C ARG B 87 -38.37 2.56 -0.10
N LEU B 88 -37.42 2.08 -0.89
CA LEU B 88 -36.06 2.61 -0.95
C LEU B 88 -36.09 3.94 -1.70
N ILE B 89 -35.03 4.73 -1.57
CA ILE B 89 -34.89 5.99 -2.28
C ILE B 89 -33.55 6.04 -3.00
N HIS B 90 -33.60 6.40 -4.28
CA HIS B 90 -32.41 6.75 -5.02
C HIS B 90 -32.47 8.26 -5.22
N HIS B 91 -31.50 8.96 -4.66
CA HIS B 91 -31.40 10.42 -4.76
C HIS B 91 -30.31 10.79 -5.77
N VAL B 92 -30.72 11.40 -6.87
CA VAL B 92 -29.81 11.70 -7.97
C VAL B 92 -30.08 13.09 -8.51
N LYS B 93 -29.01 13.84 -8.74
CA LYS B 93 -29.09 15.23 -9.16
C LYS B 93 -30.17 16.00 -8.41
N GLY B 94 -30.08 15.94 -7.09
CA GLY B 94 -30.88 16.75 -6.19
C GLY B 94 -32.33 16.35 -6.05
N LYS B 95 -32.68 15.14 -6.48
CA LYS B 95 -34.07 14.70 -6.41
C LYS B 95 -34.22 13.23 -5.98
N SER B 96 -35.25 12.95 -5.18
CA SER B 96 -35.49 11.62 -4.66
C SER B 96 -36.46 10.82 -5.52
N TYR B 97 -36.07 9.59 -5.83
CA TYR B 97 -36.89 8.67 -6.62
C TYR B 97 -37.10 7.40 -5.82
N PRO B 98 -38.30 7.24 -5.27
CA PRO B 98 -38.58 6.04 -4.48
C PRO B 98 -38.71 4.81 -5.37
N PHE B 99 -38.34 3.65 -4.83
CA PHE B 99 -38.39 2.41 -5.61
C PHE B 99 -38.46 1.18 -4.71
N ARG B 100 -38.74 0.03 -5.33
CA ARG B 100 -38.82 -1.25 -4.64
C ARG B 100 -37.88 -2.24 -5.32
N GLY B 101 -37.40 -3.22 -4.57
CA GLY B 101 -36.42 -4.19 -5.10
C GLY B 101 -35.02 -3.67 -4.85
N PRO B 102 -33.99 -4.52 -5.09
CA PRO B 102 -32.61 -4.20 -4.74
C PRO B 102 -31.93 -3.14 -5.60
N PHE B 103 -32.29 -3.06 -6.88
CA PHE B 103 -31.64 -2.18 -7.86
C PHE B 103 -32.48 -0.94 -8.14
N PRO B 104 -31.87 0.25 -8.08
CA PRO B 104 -32.56 1.50 -8.43
C PRO B 104 -32.92 1.49 -9.92
N PRO B 105 -34.20 1.66 -10.25
CA PRO B 105 -34.65 1.57 -11.64
C PRO B 105 -34.18 2.72 -12.54
N VAL B 106 -34.22 2.45 -13.84
CA VAL B 106 -33.71 3.34 -14.88
C VAL B 106 -34.70 3.30 -16.04
N TRP B 107 -35.08 4.47 -16.54
CA TRP B 107 -36.13 4.58 -17.55
C TRP B 107 -35.64 4.87 -18.99
N ASN B 108 -34.68 5.81 -19.11
CA ASN B 108 -34.00 6.10 -20.39
C ASN B 108 -33.48 4.79 -20.96
N PRO B 109 -33.84 4.47 -22.22
CA PRO B 109 -33.61 3.11 -22.77
C PRO B 109 -32.13 2.79 -22.94
N ILE B 110 -31.37 3.79 -23.33
CA ILE B 110 -29.95 3.62 -23.56
C ILE B 110 -29.24 3.40 -22.24
N THR B 111 -29.62 4.24 -21.27
CA THR B 111 -29.17 4.13 -19.90
C THR B 111 -29.56 2.79 -19.28
N TYR B 112 -30.79 2.34 -19.55
CA TYR B 112 -31.23 0.99 -19.15
C TYR B 112 -30.30 -0.11 -19.68
N LEU B 113 -29.96 -0.06 -20.97
CA LEU B 113 -29.05 -1.06 -21.56
C LEU B 113 -27.68 -1.06 -20.89
N ASP B 114 -27.19 0.15 -20.61
CA ASP B 114 -25.88 0.38 -20.01
C ASP B 114 -25.79 -0.10 -18.55
N HIS B 115 -26.77 0.27 -17.73
CA HIS B 115 -26.90 -0.25 -16.37
C HIS B 115 -27.01 -1.77 -16.34
N ASN B 116 -27.90 -2.33 -17.16
CA ASN B 116 -28.08 -3.77 -17.22
C ASN B 116 -26.77 -4.48 -17.53
N ASN B 117 -26.05 -3.96 -18.52
CA ASN B 117 -24.82 -4.57 -18.97
C ASN B 117 -23.69 -4.45 -17.96
N PHE B 118 -23.64 -3.33 -17.26
CA PHE B 118 -22.64 -3.16 -16.21
C PHE B 118 -22.71 -4.27 -15.14
N TRP B 119 -23.88 -4.44 -14.53
CA TRP B 119 -24.04 -5.44 -13.46
C TRP B 119 -23.81 -6.84 -13.99
N ARG B 120 -24.40 -7.14 -15.15
CA ARG B 120 -24.25 -8.42 -15.80
C ARG B 120 -22.80 -8.76 -16.04
N THR B 121 -22.03 -7.76 -16.52
CA THR B 121 -20.62 -7.94 -16.84
C THR B 121 -19.74 -8.19 -15.60
N MET B 122 -20.00 -7.47 -14.52
CA MET B 122 -19.36 -7.77 -13.23
C MET B 122 -19.50 -9.26 -12.85
N ASP B 123 -20.71 -9.79 -12.94
CA ASP B 123 -20.96 -11.19 -12.62
C ASP B 123 -20.37 -12.15 -13.66
N ASP B 124 -20.41 -11.79 -14.94
CA ASP B 124 -19.80 -12.60 -16.02
C ASP B 124 -18.31 -12.76 -15.76
N MET B 125 -17.65 -11.65 -15.46
CA MET B 125 -16.21 -11.65 -15.19
C MET B 125 -15.89 -12.47 -13.95
N GLY B 126 -16.71 -12.30 -12.90
CA GLY B 126 -16.52 -13.03 -11.65
C GLY B 126 -16.54 -14.54 -11.80
N ARG B 127 -17.37 -15.05 -12.71
CA ARG B 127 -17.44 -16.48 -12.97
C ARG B 127 -16.14 -17.10 -13.44
N GLU B 128 -15.24 -16.28 -13.96
CA GLU B 128 -13.91 -16.75 -14.38
C GLU B 128 -12.87 -16.65 -13.26
N ILE B 129 -13.28 -16.24 -12.06
CA ILE B 129 -12.32 -16.01 -10.97
C ILE B 129 -12.51 -17.04 -9.84
N PRO B 130 -11.53 -17.95 -9.66
CA PRO B 130 -11.65 -18.92 -8.56
C PRO B 130 -11.65 -18.24 -7.18
N SER B 131 -12.63 -18.57 -6.35
CA SER B 131 -12.75 -17.98 -5.01
C SER B 131 -11.52 -18.19 -4.16
N ASP B 132 -10.93 -19.39 -4.27
CA ASP B 132 -9.76 -19.75 -3.49
C ASP B 132 -8.42 -19.40 -4.13
N ALA B 133 -8.46 -18.89 -5.37
CA ALA B 133 -7.23 -18.50 -6.08
C ALA B 133 -7.51 -17.52 -7.20
N PRO B 134 -7.88 -16.27 -6.87
CA PRO B 134 -8.23 -15.30 -7.93
C PRO B 134 -7.09 -15.07 -8.92
N TRP B 135 -5.84 -15.18 -8.47
CA TRP B 135 -4.64 -15.06 -9.33
C TRP B 135 -4.57 -16.16 -10.42
N LYS B 136 -5.48 -17.15 -10.37
CA LYS B 136 -5.60 -18.19 -11.40
C LYS B 136 -6.67 -17.90 -12.48
N ALA B 137 -7.38 -16.79 -12.34
CA ALA B 137 -8.28 -16.31 -13.39
C ALA B 137 -7.51 -16.29 -14.71
N PRO B 138 -8.12 -16.74 -15.81
CA PRO B 138 -7.46 -16.72 -17.13
C PRO B 138 -6.83 -15.36 -17.49
N LEU B 139 -7.55 -14.27 -17.23
CA LEU B 139 -7.07 -12.93 -17.52
C LEU B 139 -6.61 -12.20 -16.25
N ALA B 140 -6.08 -12.97 -15.30
CA ALA B 140 -5.69 -12.43 -14.00
C ALA B 140 -4.83 -11.17 -14.08
N GLU B 141 -3.75 -11.23 -14.84
CA GLU B 141 -2.80 -10.10 -14.96
C GLU B 141 -3.44 -8.89 -15.64
N GLU B 142 -4.14 -9.12 -16.74
CA GLU B 142 -4.84 -8.04 -17.43
C GLU B 142 -5.79 -7.30 -16.47
N TRP B 143 -6.60 -8.06 -15.75
CA TRP B 143 -7.58 -7.46 -14.84
C TRP B 143 -6.93 -6.85 -13.61
N ASP B 144 -5.82 -7.45 -13.16
CA ASP B 144 -5.12 -6.95 -11.97
C ASP B 144 -4.34 -5.66 -12.23
N ASN B 145 -3.95 -5.45 -13.48
CA ASN B 145 -3.10 -4.29 -13.86
C ASN B 145 -3.90 -3.05 -14.23
N MET B 146 -5.21 -3.13 -14.02
CA MET B 146 -6.19 -2.08 -14.25
C MET B 146 -6.83 -1.75 -12.91
N THR B 147 -7.18 -0.47 -12.70
CA THR B 147 -8.08 -0.12 -11.60
C THR B 147 -9.54 -0.33 -11.97
N MET B 148 -10.40 -0.36 -10.95
CA MET B 148 -11.83 -0.35 -11.20
C MET B 148 -12.26 0.90 -11.97
N LYS B 149 -11.56 2.01 -11.76
CA LYS B 149 -11.86 3.23 -12.53
C LYS B 149 -11.68 3.06 -14.04
N GLU B 150 -10.57 2.45 -14.47
CA GLU B 150 -10.36 2.13 -15.89
C GLU B 150 -11.39 1.17 -16.42
N LEU B 151 -11.67 0.11 -15.67
CA LEU B 151 -12.73 -0.82 -16.07
C LEU B 151 -14.07 -0.07 -16.31
N LEU B 152 -14.49 0.72 -15.33
CA LEU B 152 -15.75 1.48 -15.41
C LEU B 152 -15.76 2.45 -16.61
N ASP B 153 -14.64 3.13 -16.83
CA ASP B 153 -14.50 4.04 -17.97
C ASP B 153 -14.71 3.34 -19.32
N LYS B 154 -14.24 2.10 -19.44
CA LYS B 154 -14.41 1.27 -20.64
C LYS B 154 -15.82 0.73 -20.80
N LEU B 155 -16.39 0.28 -19.68
CA LEU B 155 -17.63 -0.49 -19.66
C LEU B 155 -18.88 0.41 -19.73
N CYS B 156 -18.85 1.54 -19.03
CA CYS B 156 -20.02 2.38 -18.89
C CYS B 156 -20.09 3.46 -19.95
N TRP B 157 -21.09 3.35 -20.82
CA TRP B 157 -21.27 4.34 -21.89
C TRP B 157 -22.12 5.53 -21.47
N THR B 158 -22.70 5.47 -20.27
CA THR B 158 -23.48 6.59 -19.72
C THR B 158 -22.86 7.04 -18.40
N GLU B 159 -22.94 8.34 -18.14
CA GLU B 159 -22.54 8.89 -16.84
C GLU B 159 -23.39 8.37 -15.70
N SER B 160 -24.68 8.14 -15.98
CA SER B 160 -25.58 7.53 -15.02
C SER B 160 -25.10 6.18 -14.50
N ALA B 161 -24.79 5.23 -15.39
CA ALA B 161 -24.32 3.91 -14.97
C ALA B 161 -22.98 4.05 -14.21
N LYS B 162 -22.10 4.91 -14.73
CA LYS B 162 -20.78 5.10 -14.15
C LYS B 162 -20.85 5.70 -12.72
N GLN B 163 -21.76 6.64 -12.48
CA GLN B 163 -22.01 7.21 -11.15
C GLN B 163 -22.50 6.16 -10.14
N LEU B 164 -23.49 5.35 -10.55
CA LEU B 164 -23.98 4.27 -9.69
C LEU B 164 -22.94 3.16 -9.45
N ALA B 165 -22.21 2.79 -10.49
CA ALA B 165 -21.09 1.82 -10.39
C ALA B 165 -20.01 2.29 -9.42
N THR B 166 -19.71 3.59 -9.47
CA THR B 166 -18.73 4.22 -8.60
C THR B 166 -19.19 4.16 -7.12
N LEU B 167 -20.46 4.54 -6.89
CA LEU B 167 -21.05 4.49 -5.55
C LEU B 167 -20.97 3.04 -5.03
N PHE B 168 -21.38 2.08 -5.88
CA PHE B 168 -21.34 0.65 -5.56
C PHE B 168 -19.96 0.22 -5.08
N VAL B 169 -18.90 0.62 -5.81
CA VAL B 169 -17.53 0.33 -5.39
C VAL B 169 -17.21 0.97 -4.05
N ASN B 170 -17.54 2.27 -3.92
CA ASN B 170 -17.19 3.03 -2.71
C ASN B 170 -17.85 2.38 -1.49
N LEU B 171 -19.12 1.98 -1.63
CA LEU B 171 -19.89 1.37 -0.54
C LEU B 171 -19.38 -0.03 -0.18
N CYS B 172 -19.12 -0.84 -1.19
CA CYS B 172 -18.66 -2.20 -1.00
C CYS B 172 -17.29 -2.32 -0.32
N VAL B 173 -16.33 -1.51 -0.76
CA VAL B 173 -14.94 -1.71 -0.32
C VAL B 173 -14.29 -0.45 0.29
N THR B 174 -15.14 0.53 0.60
CA THR B 174 -14.78 1.79 1.27
C THR B 174 -13.50 2.40 0.68
N ALA B 175 -13.42 2.37 -0.65
CA ALA B 175 -12.26 2.86 -1.39
C ALA B 175 -12.72 3.41 -2.73
N GLU B 176 -11.87 4.25 -3.32
CA GLU B 176 -12.16 4.89 -4.59
C GLU B 176 -11.89 3.89 -5.71
N THR B 177 -12.58 4.07 -6.83
CA THR B 177 -12.45 3.17 -7.97
C THR B 177 -11.01 3.15 -8.50
N HIS B 178 -10.31 4.29 -8.39
CA HIS B 178 -8.93 4.39 -8.87
C HIS B 178 -7.89 3.81 -7.90
N GLU B 179 -8.30 3.51 -6.67
CA GLU B 179 -7.39 2.93 -5.66
C GLU B 179 -7.24 1.42 -5.77
N VAL B 180 -8.27 0.74 -6.30
CA VAL B 180 -8.39 -0.71 -6.19
C VAL B 180 -8.17 -1.42 -7.52
N SER B 181 -7.56 -2.60 -7.46
CA SER B 181 -7.46 -3.50 -8.60
C SER B 181 -8.84 -3.98 -9.08
N ALA B 182 -9.00 -3.99 -10.40
CA ALA B 182 -10.19 -4.58 -11.03
C ALA B 182 -10.33 -6.07 -10.69
N LEU B 183 -9.25 -6.84 -10.84
CA LEU B 183 -9.28 -8.27 -10.47
C LEU B 183 -9.74 -8.50 -9.04
N TRP B 184 -9.12 -7.78 -8.10
CA TRP B 184 -9.43 -7.95 -6.69
C TRP B 184 -10.91 -7.61 -6.42
N PHE B 185 -11.38 -6.50 -7.00
CA PHE B 185 -12.76 -6.08 -6.73
C PHE B 185 -13.77 -7.09 -7.28
N LEU B 186 -13.49 -7.59 -8.48
CA LEU B 186 -14.37 -8.60 -9.10
C LEU B 186 -14.37 -9.93 -8.32
N TRP B 187 -13.20 -10.32 -7.80
CA TRP B 187 -13.11 -11.46 -6.90
C TRP B 187 -13.94 -11.20 -5.65
N TYR B 188 -13.76 -10.03 -5.07
CA TYR B 188 -14.44 -9.64 -3.82
C TYR B 188 -15.94 -9.83 -3.94
N VAL B 189 -16.50 -9.32 -5.03
CA VAL B 189 -17.95 -9.41 -5.29
C VAL B 189 -18.40 -10.86 -5.51
N LYS B 190 -17.66 -11.55 -6.38
CA LYS B 190 -17.91 -12.96 -6.70
C LYS B 190 -17.90 -13.85 -5.46
N GLN B 191 -16.94 -13.65 -4.56
CA GLN B 191 -16.83 -14.49 -3.38
C GLN B 191 -17.89 -14.18 -2.29
N CYS B 192 -18.68 -13.12 -2.49
CA CYS B 192 -19.88 -12.91 -1.66
C CYS B 192 -21.13 -13.45 -2.34
N GLY B 193 -20.95 -14.13 -3.47
CA GLY B 193 -22.07 -14.68 -4.22
C GLY B 193 -22.61 -13.79 -5.34
N GLY B 194 -21.91 -12.71 -5.68
CA GLY B 194 -22.31 -11.87 -6.81
C GLY B 194 -22.99 -10.55 -6.44
N THR B 195 -23.32 -9.75 -7.44
CA THR B 195 -23.78 -8.38 -7.23
C THR B 195 -25.12 -8.31 -6.46
N THR B 196 -26.10 -9.10 -6.89
CA THR B 196 -27.42 -9.10 -6.23
C THR B 196 -27.29 -9.45 -4.74
N ARG B 197 -26.53 -10.50 -4.44
CA ARG B 197 -26.38 -10.94 -3.07
C ARG B 197 -25.66 -9.90 -2.22
N ILE B 198 -24.60 -9.31 -2.76
CA ILE B 198 -23.83 -8.34 -1.98
C ILE B 198 -24.61 -7.02 -1.67
N ILE B 199 -25.48 -6.58 -2.58
CA ILE B 199 -26.14 -5.26 -2.45
C ILE B 199 -27.51 -5.32 -1.80
N SER B 200 -28.04 -6.53 -1.68
CA SER B 200 -29.41 -6.70 -1.23
C SER B 200 -29.54 -6.66 0.31
N THR B 201 -30.63 -6.09 0.76
CA THR B 201 -31.01 -6.14 2.16
C THR B 201 -31.82 -7.43 2.29
N THR B 202 -33.09 -7.41 1.87
CA THR B 202 -33.86 -8.65 1.75
C THR B 202 -33.10 -9.63 0.85
N ASN B 203 -32.82 -10.83 1.39
CA ASN B 203 -32.15 -11.92 0.67
C ASN B 203 -30.69 -11.68 0.33
N GLY B 204 -30.05 -10.73 1.02
CA GLY B 204 -28.63 -10.46 0.82
C GLY B 204 -27.87 -10.19 2.10
N GLY B 205 -26.67 -9.64 1.96
CA GLY B 205 -25.80 -9.42 3.10
C GLY B 205 -26.28 -8.45 4.19
N GLN B 206 -27.20 -7.54 3.87
CA GLN B 206 -27.66 -6.58 4.87
C GLN B 206 -29.03 -6.97 5.42
N GLU B 207 -29.41 -8.24 5.28
CA GLU B 207 -30.74 -8.65 5.69
C GLU B 207 -31.02 -8.47 7.19
N ARG B 208 -30.01 -8.73 8.03
CA ARG B 208 -30.25 -8.89 9.47
C ARG B 208 -29.17 -8.27 10.32
N LYS B 209 -29.51 -7.98 11.58
CA LYS B 209 -28.55 -7.64 12.62
C LYS B 209 -28.78 -8.54 13.84
N PHE B 210 -27.81 -8.61 14.72
CA PHE B 210 -27.96 -9.37 15.98
C PHE B 210 -28.64 -8.52 17.03
N VAL B 211 -29.67 -9.11 17.65
CA VAL B 211 -30.28 -8.52 18.83
C VAL B 211 -29.23 -8.33 19.91
N GLY B 212 -29.08 -7.09 20.38
CA GLY B 212 -28.05 -6.75 21.38
C GLY B 212 -26.67 -6.41 20.83
N GLY B 213 -26.46 -6.55 19.52
CA GLY B 213 -25.19 -6.21 18.90
C GLY B 213 -24.27 -7.37 18.57
N SER B 214 -23.47 -7.22 17.50
CA SER B 214 -22.52 -8.24 17.05
C SER B 214 -21.31 -8.39 17.98
N GLY B 215 -21.01 -7.35 18.76
CA GLY B 215 -19.94 -7.42 19.76
C GLY B 215 -20.07 -8.55 20.78
N GLN B 216 -21.30 -9.05 20.92
CA GLN B 216 -21.60 -10.17 21.82
C GLN B 216 -20.97 -11.49 21.36
N VAL B 217 -20.74 -11.63 20.06
CA VAL B 217 -20.09 -12.83 19.54
C VAL B 217 -18.71 -12.98 20.20
N SER B 218 -17.89 -11.95 20.12
CA SER B 218 -16.55 -11.99 20.69
C SER B 218 -16.56 -11.98 22.23
N GLU B 219 -17.48 -11.21 22.80
CA GLU B 219 -17.64 -11.12 24.25
C GLU B 219 -18.00 -12.47 24.84
N ARG B 220 -18.98 -13.15 24.24
CA ARG B 220 -19.44 -14.44 24.77
C ARG B 220 -18.41 -15.56 24.62
N ILE B 221 -17.58 -15.48 23.58
CA ILE B 221 -16.46 -16.43 23.44
C ILE B 221 -15.41 -16.15 24.50
N MET B 222 -15.15 -14.88 24.76
CA MET B 222 -14.28 -14.49 25.84
C MET B 222 -14.76 -15.01 27.19
N ASP B 223 -16.06 -14.93 27.44
CA ASP B 223 -16.69 -15.50 28.64
C ASP B 223 -16.39 -17.00 28.76
N LEU B 224 -16.51 -17.70 27.64
CA LEU B 224 -16.25 -19.15 27.58
C LEU B 224 -14.78 -19.49 27.85
N LEU B 225 -13.87 -18.62 27.42
CA LEU B 225 -12.45 -18.94 27.50
C LEU B 225 -11.85 -18.50 28.82
N GLY B 226 -12.60 -17.70 29.57
CA GLY B 226 -12.19 -17.20 30.87
C GLY B 226 -10.89 -16.43 30.83
N ASP B 227 -9.95 -16.87 31.67
CA ASP B 227 -8.69 -16.17 31.85
C ASP B 227 -7.69 -16.40 30.70
N ARG B 228 -8.09 -17.20 29.71
CA ARG B 228 -7.22 -17.48 28.56
C ARG B 228 -7.08 -16.28 27.60
N VAL B 229 -7.97 -15.29 27.74
CA VAL B 229 -7.92 -14.08 26.94
C VAL B 229 -7.19 -12.96 27.71
N LYS B 230 -6.11 -12.46 27.12
CA LYS B 230 -5.30 -11.43 27.74
C LYS B 230 -5.48 -10.11 27.00
N LEU B 231 -6.13 -9.16 27.65
CA LEU B 231 -6.44 -7.87 27.08
C LEU B 231 -5.28 -6.94 27.32
N GLU B 232 -5.12 -5.94 26.43
CA GLU B 232 -4.00 -4.99 26.50
C GLU B 232 -2.62 -5.68 26.45
N ARG B 233 -2.56 -6.69 25.59
CA ARG B 233 -1.35 -7.42 25.28
C ARG B 233 -1.04 -7.33 23.77
N PRO B 234 -0.58 -6.14 23.31
CA PRO B 234 -0.20 -6.06 21.90
C PRO B 234 1.04 -6.93 21.69
N VAL B 235 1.01 -7.81 20.69
CA VAL B 235 2.17 -8.60 20.33
C VAL B 235 3.15 -7.74 19.54
N ILE B 236 4.41 -7.84 19.96
CA ILE B 236 5.51 -7.05 19.41
C ILE B 236 6.61 -7.91 18.78
N TYR B 237 6.63 -9.21 19.08
CA TYR B 237 7.77 -10.04 18.70
C TYR B 237 7.39 -11.50 18.68
N ILE B 238 7.75 -12.15 17.58
CA ILE B 238 7.56 -13.59 17.43
C ILE B 238 8.87 -14.23 17.00
N ASP B 239 9.35 -15.17 17.83
CA ASP B 239 10.63 -15.84 17.62
C ASP B 239 10.38 -17.32 17.35
N GLN B 240 10.77 -17.77 16.15
CA GLN B 240 10.56 -19.16 15.76
C GLN B 240 11.87 -19.96 15.62
N THR B 241 12.97 -19.42 16.14
CA THR B 241 14.29 -20.05 16.00
C THR B 241 14.48 -21.30 16.89
N ARG B 242 13.65 -21.43 17.93
CA ARG B 242 13.81 -22.53 18.90
C ARG B 242 12.68 -23.57 18.81
N GLU B 243 12.74 -24.57 19.69
CA GLU B 243 11.78 -25.68 19.73
C GLU B 243 10.32 -25.22 19.89
N ASN B 244 10.09 -24.34 20.88
CA ASN B 244 8.78 -23.74 21.09
C ASN B 244 8.77 -22.34 20.52
N VAL B 245 7.64 -21.91 19.95
CA VAL B 245 7.51 -20.54 19.45
C VAL B 245 7.41 -19.57 20.63
N LEU B 246 8.18 -18.48 20.59
CA LEU B 246 8.12 -17.48 21.64
C LEU B 246 7.43 -16.21 21.16
N VAL B 247 6.39 -15.79 21.89
CA VAL B 247 5.60 -14.61 21.54
C VAL B 247 5.69 -13.60 22.65
N GLU B 248 6.18 -12.40 22.33
CA GLU B 248 6.29 -11.36 23.34
C GLU B 248 5.28 -10.22 23.12
N THR B 249 4.72 -9.74 24.21
CA THR B 249 3.83 -8.58 24.21
C THR B 249 4.55 -7.27 24.62
N LEU B 250 3.89 -6.13 24.37
CA LEU B 250 4.41 -4.80 24.67
C LEU B 250 4.78 -4.59 26.16
N ASN B 251 3.93 -5.11 27.06
CA ASN B 251 4.20 -5.09 28.50
C ASN B 251 5.26 -6.12 28.97
N HIS B 252 5.97 -6.70 28.01
CA HIS B 252 7.10 -7.63 28.27
C HIS B 252 6.74 -9.06 28.69
N GLU B 253 5.45 -9.39 28.71
CA GLU B 253 5.06 -10.79 28.96
C GLU B 253 5.54 -11.72 27.85
N MET B 254 5.83 -12.96 28.22
CA MET B 254 6.37 -13.96 27.31
C MET B 254 5.44 -15.15 27.23
N TYR B 255 5.18 -15.63 26.02
CA TYR B 255 4.30 -16.77 25.84
C TYR B 255 4.98 -17.76 24.94
N GLU B 256 4.87 -19.03 25.31
CA GLU B 256 5.55 -20.08 24.59
C GLU B 256 4.48 -21.04 24.10
N ALA B 257 4.53 -21.38 22.83
CA ALA B 257 3.55 -22.29 22.26
C ALA B 257 4.15 -23.19 21.18
N LYS B 258 3.44 -24.26 20.86
CA LYS B 258 3.79 -25.10 19.71
C LYS B 258 3.45 -24.41 18.39
N TYR B 259 2.33 -23.67 18.35
CA TYR B 259 1.87 -23.02 17.13
C TYR B 259 1.28 -21.63 17.39
N VAL B 260 1.27 -20.79 16.36
CA VAL B 260 0.65 -19.46 16.45
C VAL B 260 -0.41 -19.26 15.36
N ILE B 261 -1.51 -18.60 15.72
CA ILE B 261 -2.47 -18.11 14.72
C ILE B 261 -2.41 -16.59 14.73
N SER B 262 -2.06 -16.01 13.59
CA SER B 262 -2.14 -14.57 13.38
C SER B 262 -3.56 -14.26 12.91
N ALA B 263 -4.36 -13.66 13.77
CA ALA B 263 -5.73 -13.33 13.41
C ALA B 263 -5.96 -11.80 13.33
N ILE B 264 -4.96 -11.10 12.79
CA ILE B 264 -4.99 -9.64 12.65
C ILE B 264 -5.04 -9.27 11.14
N PRO B 265 -5.54 -8.05 10.80
CA PRO B 265 -5.42 -7.61 9.40
C PRO B 265 -3.99 -7.79 8.87
N PRO B 266 -3.85 -8.26 7.62
CA PRO B 266 -2.51 -8.57 7.07
C PRO B 266 -1.45 -7.49 7.31
N THR B 267 -1.77 -6.24 6.99
CA THR B 267 -0.77 -5.16 7.13
C THR B 267 -0.36 -4.93 8.59
N LEU B 268 -1.25 -5.23 9.53
CA LEU B 268 -0.94 -5.10 10.96
C LEU B 268 0.12 -6.11 11.45
N GLY B 269 0.45 -7.08 10.61
CA GLY B 269 1.62 -7.92 10.83
C GLY B 269 2.91 -7.10 10.89
N MET B 270 2.89 -5.93 10.25
CA MET B 270 4.03 -4.99 10.33
C MET B 270 4.39 -4.57 11.77
N LYS B 271 3.41 -4.56 12.66
CA LYS B 271 3.62 -4.18 14.08
C LYS B 271 4.41 -5.23 14.89
N ILE B 272 4.63 -6.40 14.32
CA ILE B 272 5.36 -7.49 14.94
C ILE B 272 6.79 -7.59 14.34
N HIS B 273 7.79 -7.72 15.20
CA HIS B 273 9.17 -7.95 14.75
C HIS B 273 9.37 -9.46 14.72
N PHE B 274 9.87 -9.97 13.59
CA PHE B 274 9.95 -11.41 13.38
C PHE B 274 11.39 -11.90 13.42
N ASN B 275 11.59 -13.04 14.08
CA ASN B 275 12.88 -13.72 14.11
C ASN B 275 12.61 -15.22 13.92
N PRO B 276 13.10 -15.81 12.82
CA PRO B 276 13.87 -15.15 11.76
C PRO B 276 12.97 -14.19 10.97
N PRO B 277 13.56 -13.32 10.14
CA PRO B 277 12.70 -12.44 9.33
C PRO B 277 11.68 -13.26 8.52
N LEU B 278 10.57 -12.63 8.14
CA LEU B 278 9.60 -13.27 7.25
C LEU B 278 10.24 -13.52 5.89
N PRO B 279 9.74 -14.54 5.16
CA PRO B 279 10.24 -14.72 3.79
C PRO B 279 9.92 -13.47 2.96
N MET B 280 10.70 -13.26 1.91
CA MET B 280 10.60 -12.05 1.07
C MET B 280 9.17 -11.67 0.65
N MET B 281 8.39 -12.61 0.14
CA MET B 281 7.08 -12.30 -0.40
C MET B 281 6.12 -11.76 0.67
N ARG B 282 6.07 -12.41 1.82
CA ARG B 282 5.24 -11.90 2.93
C ARG B 282 5.77 -10.58 3.47
N ASN B 283 7.10 -10.48 3.60
CA ASN B 283 7.72 -9.24 4.05
C ASN B 283 7.22 -8.06 3.24
N GLN B 284 7.13 -8.20 1.92
CA GLN B 284 6.66 -7.08 1.08
C GLN B 284 5.14 -7.01 1.02
N MET B 285 4.48 -8.17 1.03
CA MET B 285 3.01 -8.20 0.91
C MET B 285 2.35 -7.31 1.98
N ILE B 286 2.84 -7.42 3.22
CA ILE B 286 2.22 -6.75 4.36
C ILE B 286 2.42 -5.22 4.37
N THR B 287 3.18 -4.70 3.40
CA THR B 287 3.28 -3.25 3.19
C THR B 287 2.43 -2.79 2.01
N ARG B 288 1.73 -3.73 1.37
CA ARG B 288 1.04 -3.47 0.10
C ARG B 288 -0.48 -3.53 0.16
N VAL B 289 -1.01 -3.73 1.37
CA VAL B 289 -2.39 -4.10 1.54
C VAL B 289 -3.09 -3.22 2.60
N PRO B 290 -3.51 -2.01 2.20
CA PRO B 290 -4.17 -1.11 3.13
C PRO B 290 -5.62 -1.51 3.39
N LEU B 291 -6.22 -0.95 4.43
CA LEU B 291 -7.67 -1.08 4.65
C LEU B 291 -8.37 0.23 4.22
N GLY B 292 -9.67 0.14 3.95
CA GLY B 292 -10.44 1.27 3.45
C GLY B 292 -10.78 2.26 4.55
N SER B 293 -11.53 3.29 4.18
CA SER B 293 -11.80 4.42 5.07
C SER B 293 -13.31 4.64 5.20
N VAL B 294 -13.78 4.68 6.44
CA VAL B 294 -15.19 4.88 6.70
C VAL B 294 -15.44 5.49 8.09
N ILE B 295 -16.45 6.35 8.15
CA ILE B 295 -17.06 6.75 9.41
C ILE B 295 -18.48 6.21 9.40
N LYS B 296 -18.81 5.41 10.41
CA LYS B 296 -20.15 4.93 10.59
C LYS B 296 -20.87 5.87 11.56
N CYS B 297 -22.04 6.36 11.12
CA CYS B 297 -22.76 7.43 11.81
C CYS B 297 -24.20 7.02 12.02
N ILE B 298 -24.71 7.20 13.23
CA ILE B 298 -26.08 6.84 13.56
C ILE B 298 -26.78 8.05 14.19
N VAL B 299 -27.79 8.56 13.48
CA VAL B 299 -28.62 9.68 13.96
C VAL B 299 -29.91 9.13 14.50
N TYR B 300 -30.23 9.48 15.75
CA TYR B 300 -31.43 9.00 16.45
C TYR B 300 -32.57 10.03 16.40
N TYR B 301 -33.81 9.53 16.31
CA TYR B 301 -34.96 10.41 16.24
C TYR B 301 -36.01 9.90 17.21
N LYS B 302 -36.99 10.76 17.50
CA LYS B 302 -38.10 10.39 18.39
C LYS B 302 -38.91 9.23 17.80
N GLU B 303 -39.19 9.28 16.50
CA GLU B 303 -39.90 8.20 15.83
C GLU B 303 -39.25 7.85 14.48
N PRO B 304 -39.54 6.66 13.93
CA PRO B 304 -39.10 6.37 12.56
C PRO B 304 -40.01 7.04 11.53
N PHE B 305 -39.95 8.37 11.49
CA PHE B 305 -40.92 9.19 10.76
C PHE B 305 -40.95 8.91 9.24
N TRP B 306 -39.83 8.46 8.68
CA TRP B 306 -39.76 8.12 7.25
C TRP B 306 -40.79 7.06 6.86
N ARG B 307 -41.12 6.16 7.78
CA ARG B 307 -42.05 5.06 7.50
C ARG B 307 -43.46 5.61 7.16
N LYS B 308 -43.82 6.72 7.80
CA LYS B 308 -45.11 7.38 7.55
C LYS B 308 -45.24 7.88 6.11
N LYS B 309 -44.12 8.16 5.45
CA LYS B 309 -44.11 8.60 4.05
C LYS B 309 -43.89 7.45 3.09
N ASP B 310 -44.03 6.22 3.62
CA ASP B 310 -43.78 4.98 2.87
C ASP B 310 -42.32 4.90 2.35
N TYR B 311 -41.38 5.30 3.20
CA TYR B 311 -39.94 5.10 2.97
C TYR B 311 -39.41 4.17 4.06
N CYS B 312 -38.58 3.19 3.70
CA CYS B 312 -38.04 2.25 4.70
C CYS B 312 -36.86 2.82 5.50
N GLY B 313 -36.19 3.82 4.92
CA GLY B 313 -35.02 4.43 5.52
C GLY B 313 -33.72 4.20 4.75
N THR B 314 -33.79 3.33 3.75
CA THR B 314 -32.67 3.14 2.83
C THR B 314 -32.62 4.29 1.84
N MET B 315 -31.46 4.91 1.74
CA MET B 315 -31.21 6.00 0.80
C MET B 315 -29.91 5.67 0.09
N ILE B 316 -29.94 5.75 -1.24
CA ILE B 316 -28.74 5.62 -2.07
C ILE B 316 -28.55 7.00 -2.66
N ILE B 317 -27.49 7.69 -2.23
CA ILE B 317 -27.40 9.12 -2.49
C ILE B 317 -26.19 9.43 -3.38
N ASP B 318 -26.48 9.79 -4.64
CA ASP B 318 -25.45 10.11 -5.64
C ASP B 318 -24.78 11.45 -5.33
N GLY B 319 -23.51 11.60 -5.70
CA GLY B 319 -22.92 12.94 -5.84
C GLY B 319 -21.90 13.31 -4.80
N GLU B 320 -21.02 14.24 -5.20
CA GLU B 320 -19.90 14.68 -4.37
C GLU B 320 -20.31 15.44 -3.12
N GLU B 321 -21.40 16.19 -3.22
CA GLU B 321 -21.81 17.09 -2.14
C GLU B 321 -22.38 16.34 -0.92
N ALA B 322 -23.00 15.19 -1.16
CA ALA B 322 -23.58 14.39 -0.09
C ALA B 322 -22.47 13.79 0.78
N PRO B 323 -22.46 14.09 2.08
CA PRO B 323 -21.48 13.45 2.98
C PRO B 323 -21.62 11.92 3.06
N VAL B 324 -22.87 11.45 2.99
CA VAL B 324 -23.23 10.06 3.16
C VAL B 324 -23.86 9.55 1.88
N ALA B 325 -23.39 8.43 1.35
CA ALA B 325 -23.93 7.90 0.10
C ALA B 325 -24.92 6.79 0.27
N TYR B 326 -24.97 6.23 1.48
CA TYR B 326 -25.82 5.07 1.78
C TYR B 326 -26.27 5.04 3.23
N THR B 327 -27.56 4.80 3.42
CA THR B 327 -28.17 4.69 4.74
C THR B 327 -29.05 3.47 4.84
N LEU B 328 -29.26 3.01 6.07
CA LEU B 328 -30.24 2.01 6.37
C LEU B 328 -30.94 2.42 7.65
N ASP B 329 -32.19 2.01 7.80
CA ASP B 329 -32.93 2.17 9.04
C ASP B 329 -32.23 1.36 10.12
N ASP B 330 -31.87 2.02 11.24
CA ASP B 330 -31.23 1.34 12.36
C ASP B 330 -32.14 1.23 13.61
N THR B 331 -33.45 1.42 13.42
CA THR B 331 -34.45 1.33 14.49
C THR B 331 -34.47 -0.09 15.10
N LYS B 332 -34.68 -0.19 16.42
CA LYS B 332 -34.68 -1.48 17.10
C LYS B 332 -35.89 -2.27 16.63
N PRO B 333 -35.86 -3.61 16.76
CA PRO B 333 -36.98 -4.41 16.27
C PRO B 333 -38.29 -4.06 16.95
N GLU B 334 -38.22 -3.53 18.17
CA GLU B 334 -39.40 -3.17 18.94
C GLU B 334 -40.04 -1.91 18.37
N GLY B 335 -39.29 -1.20 17.53
CA GLY B 335 -39.81 0.00 16.87
C GLY B 335 -39.37 1.27 17.55
N ASN B 336 -38.56 1.11 18.60
CA ASN B 336 -38.05 2.26 19.34
C ASN B 336 -36.58 2.49 19.07
N TYR B 337 -36.02 3.52 19.70
CA TYR B 337 -34.69 4.01 19.40
C TYR B 337 -34.59 4.22 17.88
N ALA B 338 -35.59 4.89 17.30
CA ALA B 338 -35.62 5.21 15.87
C ALA B 338 -34.30 5.83 15.44
N ALA B 339 -33.75 5.35 14.33
CA ALA B 339 -32.43 5.80 13.89
C ALA B 339 -32.14 5.53 12.41
N ILE B 340 -31.26 6.35 11.85
CA ILE B 340 -30.73 6.15 10.51
C ILE B 340 -29.24 5.92 10.64
N MET B 341 -28.77 4.81 10.08
CA MET B 341 -27.33 4.52 9.99
C MET B 341 -26.85 5.05 8.62
N GLY B 342 -25.75 5.78 8.61
CA GLY B 342 -25.14 6.21 7.35
C GLY B 342 -23.63 6.00 7.33
N PHE B 343 -23.07 5.76 6.14
CA PHE B 343 -21.61 5.60 5.99
C PHE B 343 -21.05 6.82 5.28
N ILE B 344 -20.00 7.40 5.86
CA ILE B 344 -19.25 8.43 5.15
C ILE B 344 -18.05 7.68 4.57
N LEU B 345 -17.96 7.63 3.25
CA LEU B 345 -17.09 6.65 2.57
C LEU B 345 -15.84 7.21 1.94
N ALA B 346 -14.73 6.46 2.09
CA ALA B 346 -13.51 6.68 1.29
C ALA B 346 -12.98 8.12 1.42
N HIS B 347 -12.80 8.86 0.32
CA HIS B 347 -12.24 10.25 0.45
C HIS B 347 -13.09 11.20 1.31
N LYS B 348 -14.41 11.00 1.34
CA LYS B 348 -15.26 11.81 2.22
C LYS B 348 -14.96 11.58 3.71
N ALA B 349 -14.58 10.36 4.07
CA ALA B 349 -14.21 10.06 5.46
C ALA B 349 -13.02 10.96 5.84
N ARG B 350 -12.01 10.99 4.96
CA ARG B 350 -10.81 11.81 5.12
C ARG B 350 -11.16 13.29 5.18
N LYS B 351 -11.97 13.75 4.21
CA LYS B 351 -12.39 15.15 4.13
C LYS B 351 -13.20 15.62 5.34
N LEU B 352 -14.19 14.83 5.75
CA LEU B 352 -15.13 15.23 6.79
C LEU B 352 -14.67 14.99 8.22
N ALA B 353 -13.58 14.24 8.37
CA ALA B 353 -12.99 13.99 9.69
C ALA B 353 -12.47 15.27 10.33
N ARG B 354 -12.15 16.26 9.52
CA ARG B 354 -11.66 17.56 9.98
C ARG B 354 -12.71 18.33 10.78
N LEU B 355 -13.99 18.00 10.56
CA LEU B 355 -15.08 18.68 11.24
C LEU B 355 -15.26 18.18 12.68
N THR B 356 -16.08 18.87 13.45
CA THR B 356 -16.44 18.38 14.77
C THR B 356 -17.59 17.39 14.63
N LYS B 357 -17.80 16.62 15.69
CA LYS B 357 -18.93 15.70 15.79
C LYS B 357 -20.25 16.44 15.53
N GLU B 358 -20.42 17.60 16.16
CA GLU B 358 -21.62 18.43 16.00
C GLU B 358 -21.80 18.92 14.56
N GLU B 359 -20.70 19.26 13.91
CA GLU B 359 -20.74 19.71 12.51
C GLU B 359 -21.14 18.59 11.57
N ARG B 360 -20.70 17.36 11.84
CA ARG B 360 -21.05 16.24 11.00
C ARG B 360 -22.53 15.91 11.20
N LEU B 361 -23.00 15.96 12.45
CA LEU B 361 -24.42 15.72 12.74
C LEU B 361 -25.33 16.67 11.96
N LYS B 362 -25.00 17.96 11.98
CA LYS B 362 -25.77 18.96 11.26
C LYS B 362 -25.81 18.68 9.75
N LYS B 363 -24.66 18.37 9.14
CA LYS B 363 -24.58 18.02 7.72
C LYS B 363 -25.42 16.80 7.36
N LEU B 364 -25.40 15.77 8.22
CA LEU B 364 -26.19 14.57 7.98
C LEU B 364 -27.68 14.86 8.08
N CYS B 365 -28.09 15.59 9.11
CA CYS B 365 -29.49 15.94 9.29
C CYS B 365 -30.06 16.76 8.12
N GLU B 366 -29.28 17.72 7.62
CA GLU B 366 -29.70 18.52 6.47
C GLU B 366 -29.78 17.70 5.20
N LEU B 367 -28.83 16.79 4.99
CA LEU B 367 -28.91 15.82 3.89
C LEU B 367 -30.16 14.95 3.98
N TYR B 368 -30.38 14.33 5.14
CA TYR B 368 -31.52 13.46 5.31
C TYR B 368 -32.86 14.21 5.14
N ALA B 369 -32.93 15.44 5.61
CA ALA B 369 -34.16 16.22 5.47
C ALA B 369 -34.48 16.41 3.99
N LYS B 370 -33.44 16.70 3.20
CA LYS B 370 -33.58 16.85 1.75
C LYS B 370 -34.04 15.56 1.11
N VAL B 371 -33.33 14.48 1.39
CA VAL B 371 -33.56 13.21 0.70
C VAL B 371 -34.91 12.59 1.08
N LEU B 372 -35.24 12.67 2.37
CA LEU B 372 -36.50 12.18 2.89
C LEU B 372 -37.65 13.16 2.73
N GLY B 373 -37.35 14.40 2.34
CA GLY B 373 -38.34 15.44 2.17
C GLY B 373 -39.09 15.66 3.47
N SER B 374 -38.35 15.73 4.58
CA SER B 374 -38.93 15.81 5.93
C SER B 374 -38.17 16.74 6.84
N LEU B 375 -38.87 17.75 7.36
CA LEU B 375 -38.28 18.64 8.36
C LEU B 375 -37.96 17.91 9.67
N GLU B 376 -38.61 16.79 9.90
CA GLU B 376 -38.36 15.99 11.11
C GLU B 376 -36.92 15.48 11.20
N ALA B 377 -36.28 15.33 10.05
CA ALA B 377 -34.87 14.91 10.00
C ALA B 377 -33.94 15.91 10.66
N LEU B 378 -34.45 17.14 10.84
CA LEU B 378 -33.66 18.23 11.39
C LEU B 378 -33.68 18.27 12.91
N GLU B 379 -34.42 17.34 13.53
CA GLU B 379 -34.58 17.31 15.00
C GLU B 379 -34.08 16.02 15.66
N PRO B 380 -32.78 15.76 15.57
CA PRO B 380 -32.21 14.53 16.14
C PRO B 380 -32.29 14.56 17.67
N VAL B 381 -32.43 13.39 18.28
CA VAL B 381 -32.43 13.33 19.77
C VAL B 381 -31.10 12.84 20.34
N HIS B 382 -30.27 12.28 19.46
CA HIS B 382 -29.00 11.72 19.85
C HIS B 382 -28.19 11.39 18.60
N TYR B 383 -26.88 11.22 18.80
CA TYR B 383 -25.95 10.92 17.69
C TYR B 383 -24.81 10.07 18.21
N GLU B 384 -24.45 9.04 17.46
CA GLU B 384 -23.23 8.27 17.71
C GLU B 384 -22.49 8.06 16.38
N GLU B 385 -21.16 7.99 16.43
CA GLU B 385 -20.36 7.79 15.24
C GLU B 385 -19.01 7.18 15.60
N LYS B 386 -18.38 6.54 14.62
CA LYS B 386 -17.02 6.02 14.81
C LYS B 386 -16.23 6.10 13.51
N ASN B 387 -15.10 6.78 13.59
CA ASN B 387 -14.16 6.89 12.49
C ASN B 387 -13.13 5.78 12.60
N TRP B 388 -13.22 4.79 11.73
CA TRP B 388 -12.34 3.63 11.83
C TRP B 388 -10.92 3.89 11.31
N CYS B 389 -10.72 5.01 10.61
CA CYS B 389 -9.42 5.41 10.10
C CYS B 389 -8.44 5.72 11.23
N GLU B 390 -8.97 6.04 12.42
CA GLU B 390 -8.09 6.45 13.49
C GLU B 390 -7.56 5.28 14.34
N GLU B 391 -7.98 4.07 14.01
CA GLU B 391 -7.73 2.89 14.87
C GLU B 391 -6.37 2.26 14.59
N GLN B 392 -5.44 2.42 15.54
CA GLN B 392 -4.11 1.81 15.41
C GLN B 392 -4.16 0.30 15.20
N TYR B 393 -5.13 -0.37 15.84
CA TYR B 393 -5.14 -1.83 15.79
C TYR B 393 -6.18 -2.43 14.84
N SER B 394 -6.76 -1.57 13.99
CA SER B 394 -7.57 -1.98 12.84
C SER B 394 -6.91 -1.53 11.52
N GLY B 395 -6.51 -0.27 11.44
CA GLY B 395 -6.01 0.32 10.19
C GLY B 395 -7.08 0.89 9.25
N GLY B 396 -8.34 0.58 9.54
CA GLY B 396 -9.48 1.03 8.73
C GLY B 396 -10.65 0.06 8.80
N CYS B 397 -11.62 0.25 7.91
CA CYS B 397 -12.76 -0.65 7.74
C CYS B 397 -13.32 -0.48 6.33
N TYR B 398 -14.10 -1.45 5.83
CA TYR B 398 -14.40 -2.71 6.53
C TYR B 398 -13.24 -3.67 6.51
N THR B 399 -12.45 -3.59 5.43
CA THR B 399 -11.47 -4.63 5.16
C THR B 399 -10.29 -4.13 4.33
N THR B 400 -9.40 -5.07 4.01
CA THR B 400 -8.22 -4.84 3.22
C THR B 400 -8.56 -4.81 1.73
N TYR B 401 -8.07 -3.78 1.04
CA TYR B 401 -8.20 -3.75 -0.41
C TYR B 401 -6.83 -3.91 -1.06
N PHE B 402 -6.85 -4.37 -2.30
CA PHE B 402 -5.63 -4.65 -3.06
C PHE B 402 -5.53 -3.63 -4.19
N PRO B 403 -4.50 -2.77 -4.14
CA PRO B 403 -4.19 -1.85 -5.25
C PRO B 403 -3.73 -2.60 -6.50
N PRO B 404 -3.74 -1.91 -7.67
CA PRO B 404 -3.42 -2.64 -8.90
C PRO B 404 -2.04 -3.30 -8.84
N GLY B 405 -1.97 -4.53 -9.34
CA GLY B 405 -0.74 -5.34 -9.41
C GLY B 405 -0.43 -6.27 -8.24
N ILE B 406 -1.15 -6.09 -7.13
CA ILE B 406 -0.75 -6.71 -5.86
C ILE B 406 -1.25 -8.15 -5.70
N LEU B 407 -2.54 -8.37 -6.00
CA LEU B 407 -3.15 -9.70 -5.83
C LEU B 407 -2.49 -10.82 -6.63
N THR B 408 -2.17 -10.54 -7.90
CA THR B 408 -1.46 -11.53 -8.72
C THR B 408 -0.05 -11.80 -8.22
N GLN B 409 0.66 -10.75 -7.80
CA GLN B 409 2.07 -10.89 -7.38
C GLN B 409 2.27 -11.47 -5.98
N TYR B 410 1.38 -11.11 -5.05
CA TYR B 410 1.54 -11.42 -3.64
C TYR B 410 0.39 -12.19 -3.03
N GLY B 411 -0.71 -12.33 -3.76
CA GLY B 411 -1.93 -12.90 -3.21
C GLY B 411 -1.79 -14.32 -2.68
N ARG B 412 -0.94 -15.11 -3.32
CA ARG B 412 -0.82 -16.50 -2.93
C ARG B 412 -0.18 -16.70 -1.55
N VAL B 413 0.48 -15.68 -0.99
CA VAL B 413 1.08 -15.89 0.33
C VAL B 413 0.20 -15.49 1.50
N LEU B 414 -0.95 -14.89 1.23
CA LEU B 414 -1.85 -14.41 2.28
C LEU B 414 -2.11 -15.43 3.40
N ARG B 415 -2.50 -16.65 3.03
CA ARG B 415 -2.73 -17.66 4.06
C ARG B 415 -1.71 -18.80 4.08
N GLN B 416 -0.58 -18.59 3.41
CA GLN B 416 0.49 -19.57 3.42
C GLN B 416 1.20 -19.55 4.78
N PRO B 417 1.23 -20.70 5.47
CA PRO B 417 1.86 -20.73 6.80
C PRO B 417 3.33 -20.31 6.75
N VAL B 418 3.80 -19.66 7.81
CA VAL B 418 5.21 -19.35 7.93
C VAL B 418 5.75 -20.17 9.08
N ASP B 419 6.29 -21.34 8.76
CA ASP B 419 6.84 -22.29 9.75
C ASP B 419 5.70 -22.76 10.64
N ARG B 420 5.63 -22.27 11.88
CA ARG B 420 4.54 -22.62 12.78
C ARG B 420 3.47 -21.51 12.98
N ILE B 421 3.50 -20.49 12.11
CA ILE B 421 2.47 -19.44 12.14
C ILE B 421 1.45 -19.70 11.04
N TYR B 422 0.19 -19.82 11.43
CA TYR B 422 -0.91 -20.00 10.51
C TYR B 422 -1.75 -18.71 10.49
N PHE B 423 -2.44 -18.46 9.38
CA PHE B 423 -3.07 -17.15 9.14
C PHE B 423 -4.58 -17.20 9.06
N ALA B 424 -5.20 -16.56 10.04
CA ALA B 424 -6.65 -16.42 10.10
C ALA B 424 -6.97 -14.98 9.72
N GLY B 425 -8.09 -14.43 10.20
CA GLY B 425 -8.51 -13.08 9.77
C GLY B 425 -9.40 -13.12 8.54
N THR B 426 -10.41 -12.25 8.49
CA THR B 426 -11.38 -12.30 7.40
C THR B 426 -10.75 -12.17 6.01
N GLU B 427 -9.61 -11.49 5.94
CA GLU B 427 -8.93 -11.28 4.66
C GLU B 427 -8.47 -12.59 3.98
N THR B 428 -8.31 -13.64 4.79
CA THR B 428 -7.87 -14.94 4.29
C THR B 428 -9.02 -15.88 3.92
N ALA B 429 -10.28 -15.45 4.09
CA ALA B 429 -11.42 -16.34 3.78
C ALA B 429 -11.63 -16.47 2.28
N THR B 430 -12.44 -17.45 1.89
CA THR B 430 -12.73 -17.65 0.47
C THR B 430 -14.22 -17.42 0.17
N HIS B 431 -15.02 -17.19 1.21
CA HIS B 431 -16.46 -16.91 1.06
C HIS B 431 -16.84 -15.82 2.07
N TRP B 432 -17.35 -14.68 1.57
CA TRP B 432 -17.57 -13.48 2.41
C TRP B 432 -16.31 -13.02 3.17
N SER B 433 -15.15 -13.17 2.54
CA SER B 433 -13.97 -12.47 3.01
C SER B 433 -14.31 -10.97 3.09
N GLY B 434 -13.88 -10.33 4.17
CA GLY B 434 -14.19 -8.93 4.46
C GLY B 434 -15.28 -8.75 5.51
N TYR B 435 -16.03 -9.82 5.75
CA TYR B 435 -17.21 -9.86 6.63
C TYR B 435 -16.96 -10.71 7.89
N MET B 436 -17.84 -10.58 8.88
CA MET B 436 -17.82 -11.43 10.06
C MET B 436 -17.87 -12.92 9.67
N GLU B 437 -18.65 -13.24 8.63
CA GLU B 437 -18.72 -14.62 8.09
C GLU B 437 -17.34 -15.15 7.68
N GLY B 438 -16.58 -14.34 6.91
CA GLY B 438 -15.24 -14.74 6.50
C GLY B 438 -14.27 -14.84 7.69
N ALA B 439 -14.49 -14.01 8.70
CA ALA B 439 -13.71 -14.09 9.94
C ALA B 439 -13.83 -15.48 10.59
N VAL B 440 -15.07 -15.97 10.68
CA VAL B 440 -15.33 -17.30 11.23
C VAL B 440 -14.71 -18.43 10.36
N GLU B 441 -14.95 -18.40 9.04
CA GLU B 441 -14.35 -19.36 8.12
C GLU B 441 -12.83 -19.46 8.27
N ALA B 442 -12.18 -18.31 8.29
CA ALA B 442 -10.73 -18.23 8.34
C ALA B 442 -10.16 -18.69 9.69
N GLY B 443 -10.83 -18.30 10.78
CA GLY B 443 -10.41 -18.70 12.13
C GLY B 443 -10.49 -20.21 12.32
N GLU B 444 -11.62 -20.78 11.96
CA GLU B 444 -11.84 -22.22 12.08
C GLU B 444 -10.95 -23.03 11.14
N ARG B 445 -10.71 -22.53 9.93
CA ARG B 445 -9.82 -23.19 8.97
C ARG B 445 -8.36 -23.16 9.49
N ALA B 446 -7.91 -22.00 10.01
CA ALA B 446 -6.55 -21.90 10.55
C ALA B 446 -6.36 -22.84 11.74
N ALA B 447 -7.33 -22.85 12.66
CA ALA B 447 -7.35 -23.78 13.80
C ALA B 447 -7.20 -25.24 13.33
N ARG B 448 -7.93 -25.61 12.28
CA ARG B 448 -7.88 -26.98 11.75
C ARG B 448 -6.60 -27.33 11.00
N GLU B 449 -5.95 -26.33 10.39
CA GLU B 449 -4.62 -26.54 9.79
C GLU B 449 -3.67 -26.96 10.91
N ILE B 450 -3.78 -26.32 12.07
CA ILE B 450 -2.96 -26.71 13.23
C ILE B 450 -3.33 -28.12 13.76
N LEU B 451 -4.62 -28.41 13.91
CA LEU B 451 -5.05 -29.77 14.27
C LEU B 451 -4.47 -30.83 13.34
N HIS B 452 -4.45 -30.54 12.05
CA HIS B 452 -3.86 -31.46 11.07
C HIS B 452 -2.34 -31.58 11.25
N ALA B 453 -1.67 -30.44 11.45
CA ALA B 453 -0.23 -30.43 11.70
C ALA B 453 0.13 -31.25 12.95
N MET B 454 -0.81 -31.35 13.88
CA MET B 454 -0.62 -32.11 15.11
C MET B 454 -0.96 -33.60 14.96
N GLY B 455 -1.43 -33.99 13.78
CA GLY B 455 -1.80 -35.36 13.50
C GLY B 455 -3.18 -35.73 14.00
N LYS B 456 -3.97 -34.73 14.42
CA LYS B 456 -5.28 -34.97 15.05
C LYS B 456 -6.43 -35.15 14.08
N ILE B 457 -6.31 -34.61 12.87
CA ILE B 457 -7.35 -34.75 11.85
C ILE B 457 -6.71 -34.96 10.48
N PRO B 458 -7.41 -35.61 9.55
CA PRO B 458 -6.88 -35.73 8.19
C PRO B 458 -6.89 -34.43 7.38
N GLU B 459 -6.02 -34.34 6.38
CA GLU B 459 -5.90 -33.16 5.49
C GLU B 459 -7.27 -32.77 4.93
N ASP B 460 -8.05 -33.80 4.63
CA ASP B 460 -9.44 -33.80 4.22
C ASP B 460 -10.37 -32.87 5.04
N GLU B 461 -10.06 -32.70 6.31
CA GLU B 461 -10.98 -31.99 7.21
C GLU B 461 -10.55 -30.55 7.51
N ILE B 462 -9.48 -30.09 6.88
CA ILE B 462 -9.00 -28.71 7.08
C ILE B 462 -10.06 -27.69 6.63
N TRP B 463 -10.63 -27.91 5.45
CA TRP B 463 -11.69 -27.07 4.91
C TRP B 463 -13.01 -27.82 5.07
N GLN B 464 -13.96 -27.18 5.72
CA GLN B 464 -15.21 -27.82 6.11
C GLN B 464 -16.42 -27.04 5.62
N SER B 465 -17.35 -27.73 4.95
CA SER B 465 -18.58 -27.11 4.49
C SER B 465 -19.50 -26.80 5.69
N GLU B 466 -20.44 -25.89 5.48
CA GLU B 466 -21.36 -25.46 6.55
C GLU B 466 -22.81 -25.75 6.17
N PRO B 467 -23.55 -26.45 7.04
CA PRO B 467 -24.99 -26.64 6.74
C PRO B 467 -25.71 -25.30 6.72
N GLU B 468 -26.71 -25.18 5.84
CA GLU B 468 -27.46 -23.93 5.68
C GLU B 468 -28.27 -23.64 6.94
N SER B 469 -28.26 -22.37 7.36
CA SER B 469 -29.08 -21.92 8.50
C SER B 469 -30.56 -22.20 8.26
N VAL B 470 -31.24 -22.76 9.27
CA VAL B 470 -32.70 -22.97 9.14
C VAL B 470 -33.46 -21.67 9.45
N ASP B 471 -32.81 -20.78 10.20
CA ASP B 471 -33.40 -19.50 10.59
C ASP B 471 -33.31 -18.42 9.52
N VAL B 472 -32.24 -18.47 8.71
CA VAL B 472 -32.02 -17.52 7.64
C VAL B 472 -31.78 -18.28 6.35
N PRO B 473 -32.85 -18.84 5.75
CA PRO B 473 -32.68 -19.58 4.51
C PRO B 473 -32.37 -18.64 3.32
N ALA B 474 -31.63 -19.16 2.35
CA ALA B 474 -31.23 -18.41 1.16
C ALA B 474 -32.14 -18.70 -0.05
N GLN B 475 -32.80 -17.66 -0.57
CA GLN B 475 -33.45 -17.73 -1.87
C GLN B 475 -32.38 -17.63 -2.94
N PRO B 476 -32.53 -18.40 -4.05
CA PRO B 476 -31.53 -18.33 -5.11
C PRO B 476 -31.58 -16.98 -5.84
N ILE B 477 -30.47 -16.60 -6.46
CA ILE B 477 -30.39 -15.38 -7.26
C ILE B 477 -30.85 -15.74 -8.68
N THR B 478 -31.86 -15.03 -9.15
CA THR B 478 -32.39 -15.24 -10.49
C THR B 478 -32.16 -14.03 -11.38
N THR B 479 -32.10 -14.27 -12.68
CA THR B 479 -32.08 -13.23 -13.72
C THR B 479 -33.29 -13.43 -14.64
N THR B 480 -33.65 -12.40 -15.39
CA THR B 480 -34.71 -12.54 -16.39
C THR B 480 -34.11 -12.76 -17.77
N PHE B 481 -34.94 -13.27 -18.69
CA PHE B 481 -34.51 -13.51 -20.06
C PHE B 481 -33.95 -12.22 -20.69
N LEU B 482 -34.65 -11.12 -20.52
CA LEU B 482 -34.21 -9.84 -21.06
C LEU B 482 -32.91 -9.34 -20.43
N GLU B 483 -32.78 -9.48 -19.11
CA GLU B 483 -31.53 -9.16 -18.42
C GLU B 483 -30.34 -9.90 -19.02
N ARG B 484 -30.51 -11.20 -19.25
CA ARG B 484 -29.50 -12.06 -19.83
C ARG B 484 -29.14 -11.67 -21.27
N HIS B 485 -30.12 -11.27 -22.07
CA HIS B 485 -29.91 -11.19 -23.53
C HIS B 485 -29.97 -9.80 -24.17
N LEU B 486 -30.46 -8.80 -23.44
CA LEU B 486 -30.42 -7.45 -23.95
C LEU B 486 -28.98 -7.01 -24.23
N PRO B 487 -28.78 -6.27 -25.34
CA PRO B 487 -27.43 -5.91 -25.72
C PRO B 487 -26.85 -4.76 -24.86
N SER B 488 -25.53 -4.67 -24.83
CA SER B 488 -24.86 -3.50 -24.28
C SER B 488 -25.07 -2.31 -25.22
N VAL B 489 -24.58 -1.13 -24.83
CA VAL B 489 -24.63 0.03 -25.75
C VAL B 489 -23.82 -0.21 -27.05
N PRO B 490 -22.52 -0.60 -26.94
CA PRO B 490 -21.77 -0.90 -28.17
C PRO B 490 -22.35 -2.04 -29.00
N GLY B 491 -22.96 -3.03 -28.34
CA GLY B 491 -23.62 -4.15 -29.01
C GLY B 491 -24.82 -3.71 -29.83
N LEU B 492 -25.59 -2.79 -29.27
CA LEU B 492 -26.71 -2.19 -29.98
C LEU B 492 -26.20 -1.41 -31.19
N LEU B 493 -25.07 -0.73 -31.03
CA LEU B 493 -24.42 0.00 -32.11
C LEU B 493 -23.87 -0.92 -33.21
N ARG B 494 -23.26 -2.05 -32.81
CA ARG B 494 -22.77 -3.06 -33.76
C ARG B 494 -23.93 -3.63 -34.57
N LEU B 495 -25.07 -3.82 -33.90
CA LEU B 495 -26.29 -4.31 -34.53
C LEU B 495 -26.85 -3.29 -35.54
N ILE B 496 -26.69 -2.01 -35.21
CA ILE B 496 -27.09 -0.92 -36.10
C ILE B 496 -26.10 -0.79 -37.25
#